data_6BXF
#
_entry.id   6BXF
#
_cell.length_a   59.070
_cell.length_b   81.470
_cell.length_c   127.960
_cell.angle_alpha   90.00
_cell.angle_beta   97.07
_cell.angle_gamma   90.00
#
_symmetry.space_group_name_H-M   'P 1 21 1'
#
loop_
_entity.id
_entity.type
_entity.pdbx_description
1 polymer 'Chimera protein of Integrin beta-3 and Integrin alpha-L'
2 non-polymer GLYCEROL
3 non-polymer 2-acetamido-2-deoxy-beta-D-glucopyranose
4 non-polymer 'CALCIUM ION'
5 non-polymer 'MAGNESIUM ION'
6 water water
#
_entity_poly.entity_id   1
_entity_poly.type   'polypeptide(L)'
_entity_poly.pdbx_seq_one_letter_code
;GPNICTTRGVSSCQQCLAVSPMCAWCSDEALPLGSPRCDLKENLLKDNCAPESIEFPVSEARVLEDRPLSDKGSGDSSQV
TQVSPQRIALRLRPDDSKNFSIQVRQVEDGNVDLVFLFDGSMSLQPDEFQKILDFMKDVMKKLSNTSYQFAAVQFSTSYK
TEFDFSDYVKWKDPDALLKHVKHMLLLTNTFGAINYVATEVFREELGARPDATKVLIIITDGEATDSGNIDAAKDIIRYI
IGIGKHFQTKESQETLHKFASKPASEFVKILDTFEKLKDLFTELQKKIRSKVELEVRDLPEELSLSFNATCLNNEVIPGL
KSCMGLKIGDTVSFSIEAKVRGCPQEKEKSFTIKPVGFKDSLIVQVTFDCDCACQAQAEPNSHRCNNGNGTFECGVCRCG
PGWLGSQCECSEEDYRPSQQDECSPREGQPVCSQRGECLCGQCVCHSSDFGKITGKYCETRELYFQ
;
_entity_poly.pdbx_strand_id   A,B
#
loop_
_chem_comp.id
_chem_comp.type
_chem_comp.name
_chem_comp.formula
CA non-polymer 'CALCIUM ION' 'Ca 2'
GOL non-polymer GLYCEROL 'C3 H8 O3'
MG non-polymer 'MAGNESIUM ION' 'Mg 2'
NAG D-saccharide, beta linking 2-acetamido-2-deoxy-beta-D-glucopyranose 'C8 H15 N O6'
#
# COMPACT_ATOMS: atom_id res chain seq x y z
N GLY A 1 -31.04 2.13 61.70
CA GLY A 1 -29.86 2.82 61.26
C GLY A 1 -29.72 2.90 59.74
N PRO A 2 -30.50 3.78 59.11
CA PRO A 2 -30.38 3.95 57.65
C PRO A 2 -29.02 4.48 57.27
N ASN A 3 -28.50 3.98 56.16
CA ASN A 3 -27.16 4.34 55.69
C ASN A 3 -27.27 5.42 54.60
N ILE A 4 -26.21 5.56 53.79
CA ILE A 4 -26.06 6.74 52.95
C ILE A 4 -27.12 6.79 51.85
N CYS A 5 -27.48 5.64 51.29
CA CYS A 5 -28.46 5.63 50.20
C CYS A 5 -29.80 6.19 50.66
N THR A 6 -30.28 5.73 51.82
CA THR A 6 -31.55 6.22 52.35
C THR A 6 -31.44 7.67 52.82
N THR A 7 -30.42 7.97 53.63
CA THR A 7 -30.35 9.25 54.34
C THR A 7 -30.07 10.44 53.44
N ARG A 8 -29.77 10.23 52.15
CA ARG A 8 -29.49 11.36 51.28
C ARG A 8 -30.73 12.18 50.93
N GLY A 9 -31.93 11.68 51.24
CA GLY A 9 -33.14 12.39 50.93
C GLY A 9 -33.25 12.74 49.45
N VAL A 10 -33.37 11.72 48.61
CA VAL A 10 -33.26 11.90 47.18
C VAL A 10 -34.65 12.15 46.58
N SER A 11 -34.66 12.75 45.39
CA SER A 11 -35.89 13.15 44.73
C SER A 11 -36.15 12.41 43.42
N SER A 12 -35.17 11.70 42.87
CA SER A 12 -35.35 11.00 41.61
C SER A 12 -34.46 9.78 41.57
N CYS A 13 -34.73 8.91 40.60
CA CYS A 13 -33.92 7.70 40.42
C CYS A 13 -32.51 8.06 39.96
N GLN A 14 -32.39 9.05 39.08
CA GLN A 14 -31.08 9.43 38.57
CA GLN A 14 -31.08 9.43 38.57
C GLN A 14 -30.20 10.01 39.69
N GLN A 15 -30.81 10.60 40.72
CA GLN A 15 -30.01 11.11 41.83
C GLN A 15 -29.71 10.02 42.85
N CYS A 16 -30.61 9.05 42.99
CA CYS A 16 -30.33 7.92 43.89
C CYS A 16 -29.14 7.11 43.40
N LEU A 17 -29.04 6.91 42.08
CA LEU A 17 -27.87 6.23 41.53
C LEU A 17 -26.60 7.05 41.74
N ALA A 18 -26.72 8.37 41.66
CA ALA A 18 -25.58 9.26 41.84
C ALA A 18 -25.15 9.40 43.29
N VAL A 19 -25.87 8.79 44.23
CA VAL A 19 -25.46 8.82 45.63
C VAL A 19 -24.16 8.06 45.82
N SER A 20 -24.14 6.80 45.41
CA SER A 20 -22.97 5.93 45.57
C SER A 20 -23.14 4.75 44.63
N PRO A 21 -22.04 4.11 44.20
CA PRO A 21 -22.16 2.95 43.32
C PRO A 21 -22.92 1.78 43.91
N MET A 22 -23.25 1.81 45.20
CA MET A 22 -23.92 0.70 45.87
C MET A 22 -25.44 0.83 45.92
N CYS A 23 -25.99 2.02 45.66
CA CYS A 23 -27.39 2.27 45.93
C CYS A 23 -28.29 1.72 44.82
N ALA A 24 -29.56 1.50 45.18
CA ALA A 24 -30.58 1.02 44.26
C ALA A 24 -31.89 1.75 44.54
N TRP A 25 -32.77 1.76 43.55
CA TRP A 25 -33.98 2.57 43.56
C TRP A 25 -35.22 1.70 43.34
N CYS A 26 -36.29 2.04 44.04
CA CYS A 26 -37.58 1.37 43.90
C CYS A 26 -38.55 2.26 43.12
N SER A 27 -39.45 1.61 42.37
CA SER A 27 -40.35 2.34 41.49
C SER A 27 -41.67 1.59 41.37
N ASP A 28 -42.15 1.01 42.49
CA ASP A 28 -43.30 0.13 42.46
C ASP A 28 -44.63 0.86 42.28
N GLU A 29 -44.63 2.20 42.28
CA GLU A 29 -45.82 3.01 42.04
C GLU A 29 -46.84 2.89 43.16
N ALA A 30 -47.25 1.66 43.48
CA ALA A 30 -48.30 1.42 44.47
C ALA A 30 -47.69 0.96 45.80
N LEU A 31 -46.92 1.87 46.40
CA LEU A 31 -46.26 1.61 47.68
C LEU A 31 -46.76 2.62 48.71
N PRO A 32 -46.55 2.37 50.00
CA PRO A 32 -47.00 3.34 51.01
C PRO A 32 -46.32 4.69 50.84
N LEU A 33 -46.92 5.71 51.48
CA LEU A 33 -46.41 7.07 51.38
C LEU A 33 -45.03 7.21 52.03
N GLY A 34 -44.66 6.29 52.92
CA GLY A 34 -43.38 6.38 53.60
C GLY A 34 -42.58 5.09 53.58
N SER A 35 -41.62 5.01 52.66
CA SER A 35 -40.70 3.89 52.57
C SER A 35 -39.54 4.31 51.66
N PRO A 36 -38.34 4.52 52.22
CA PRO A 36 -37.24 5.08 51.41
C PRO A 36 -36.97 4.33 50.12
N ARG A 37 -37.10 5.03 49.00
CA ARG A 37 -36.95 4.42 47.67
C ARG A 37 -35.49 4.12 47.33
N CYS A 38 -34.55 4.88 47.89
CA CYS A 38 -33.13 4.67 47.64
C CYS A 38 -32.55 3.83 48.76
N ASP A 39 -31.94 2.70 48.41
CA ASP A 39 -31.39 1.77 49.40
C ASP A 39 -30.47 0.77 48.72
N LEU A 40 -30.38 -0.43 49.28
CA LEU A 40 -29.71 -1.55 48.64
C LEU A 40 -30.74 -2.60 48.26
N LYS A 41 -30.39 -3.40 47.24
CA LYS A 41 -31.36 -4.35 46.68
C LYS A 41 -31.84 -5.39 47.68
N GLU A 42 -31.19 -5.51 48.84
CA GLU A 42 -31.66 -6.43 49.87
C GLU A 42 -32.57 -5.73 50.88
N ASN A 43 -32.10 -4.62 51.46
CA ASN A 43 -32.94 -3.84 52.36
C ASN A 43 -34.19 -3.34 51.64
N LEU A 44 -34.05 -2.97 50.36
CA LEU A 44 -35.20 -2.56 49.57
C LEU A 44 -36.13 -3.74 49.32
N LEU A 45 -35.60 -4.95 49.23
CA LEU A 45 -36.43 -6.12 48.97
C LEU A 45 -37.11 -6.67 50.22
N LYS A 46 -36.60 -6.35 51.41
CA LYS A 46 -37.31 -6.71 52.63
C LYS A 46 -38.68 -6.04 52.70
N ASP A 47 -38.85 -4.93 52.00
CA ASP A 47 -40.16 -4.42 51.64
C ASP A 47 -40.47 -4.84 50.21
N ASN A 48 -41.67 -5.32 49.97
CA ASN A 48 -42.00 -5.96 48.70
C ASN A 48 -42.12 -4.90 47.60
N CYS A 49 -41.05 -4.72 46.82
CA CYS A 49 -41.00 -3.78 45.70
C CYS A 49 -40.95 -4.51 44.36
N ALA A 50 -41.35 -5.79 44.32
CA ALA A 50 -41.44 -6.57 43.07
C ALA A 50 -40.07 -6.81 42.45
N PRO A 51 -39.95 -7.74 41.49
CA PRO A 51 -38.63 -8.00 40.88
C PRO A 51 -38.18 -6.91 39.92
N GLU A 52 -38.92 -6.72 38.82
CA GLU A 52 -38.51 -5.83 37.74
C GLU A 52 -38.61 -4.34 38.08
N SER A 53 -39.16 -4.00 39.25
CA SER A 53 -39.32 -2.60 39.62
C SER A 53 -38.07 -1.98 40.23
N ILE A 54 -37.10 -2.78 40.63
CA ILE A 54 -35.89 -2.27 41.26
C ILE A 54 -34.85 -1.95 40.19
N GLU A 55 -34.35 -0.71 40.21
CA GLU A 55 -33.34 -0.25 39.26
C GLU A 55 -31.98 -0.28 39.96
N PHE A 56 -31.08 -1.12 39.47
CA PHE A 56 -29.74 -1.23 40.07
C PHE A 56 -28.75 -1.64 38.99
N PRO A 57 -28.11 -0.67 38.34
CA PRO A 57 -27.02 -0.99 37.40
C PRO A 57 -25.74 -1.29 38.15
N VAL A 58 -24.82 -1.95 37.44
CA VAL A 58 -23.52 -2.32 37.97
C VAL A 58 -22.46 -2.00 36.93
N SER A 59 -21.30 -1.52 37.39
CA SER A 59 -20.19 -1.30 36.48
C SER A 59 -19.59 -2.64 36.05
N GLU A 60 -19.06 -2.67 34.83
CA GLU A 60 -18.47 -3.88 34.29
C GLU A 60 -17.37 -3.52 33.30
N ALA A 61 -16.40 -4.42 33.18
CA ALA A 61 -15.34 -4.32 32.18
C ALA A 61 -15.33 -5.61 31.36
N ARG A 62 -15.35 -5.46 30.04
CA ARG A 62 -15.33 -6.61 29.15
C ARG A 62 -14.19 -6.47 28.16
N VAL A 63 -13.49 -7.59 27.95
CA VAL A 63 -12.33 -7.62 27.07
C VAL A 63 -12.79 -7.90 25.65
N LEU A 64 -12.47 -7.00 24.73
CA LEU A 64 -12.94 -7.13 23.35
C LEU A 64 -11.85 -7.73 22.46
N GLU A 65 -10.77 -6.99 22.26
CA GLU A 65 -9.63 -7.46 21.46
C GLU A 65 -8.56 -7.97 22.42
N ASP A 66 -8.33 -9.28 22.41
CA ASP A 66 -7.43 -9.93 23.36
C ASP A 66 -6.47 -10.88 22.62
N ARG A 67 -5.72 -10.32 21.67
CA ARG A 67 -4.71 -11.11 20.98
C ARG A 67 -3.68 -11.62 21.99
N PRO A 68 -3.20 -12.86 21.84
CA PRO A 68 -2.18 -13.36 22.75
C PRO A 68 -0.80 -12.81 22.41
N LEU A 69 0.01 -12.63 23.45
CA LEU A 69 1.36 -12.10 23.26
C LEU A 69 2.20 -13.06 22.43
N SER A 70 3.07 -12.50 21.60
CA SER A 70 3.85 -13.29 20.66
C SER A 70 4.92 -14.10 21.41
N ASP A 71 5.64 -14.92 20.66
CA ASP A 71 6.62 -15.85 21.21
C ASP A 71 7.99 -15.62 20.55
N LYS A 72 8.92 -16.53 20.83
CA LYS A 72 10.25 -16.45 20.24
C LYS A 72 10.30 -16.97 18.81
N GLY A 73 9.33 -17.79 18.41
CA GLY A 73 9.22 -18.21 17.02
C GLY A 73 8.46 -17.18 16.22
N SER A 74 9.01 -15.97 16.14
CA SER A 74 8.28 -14.83 15.62
C SER A 74 8.17 -14.89 14.10
N GLY A 75 6.94 -14.84 13.60
CA GLY A 75 6.69 -14.74 12.17
C GLY A 75 5.76 -13.58 11.88
N ASP A 76 6.28 -12.52 11.25
CA ASP A 76 5.54 -11.28 11.07
C ASP A 76 4.27 -11.48 10.25
N SER A 77 3.19 -11.91 10.91
CA SER A 77 1.86 -11.99 10.32
C SER A 77 0.91 -11.24 11.24
N SER A 78 0.24 -10.21 10.71
CA SER A 78 -0.45 -9.21 11.52
C SER A 78 0.51 -8.58 12.52
N GLN A 79 1.78 -8.50 12.14
CA GLN A 79 2.89 -8.03 12.97
C GLN A 79 2.95 -8.89 14.24
N VAL A 80 3.48 -8.34 15.32
CA VAL A 80 3.74 -9.09 16.55
C VAL A 80 3.01 -8.42 17.71
N THR A 81 2.29 -9.22 18.48
CA THR A 81 1.54 -8.71 19.63
C THR A 81 2.50 -8.44 20.78
N GLN A 82 2.66 -7.17 21.16
CA GLN A 82 3.51 -6.79 22.26
C GLN A 82 2.75 -6.21 23.45
N VAL A 83 1.46 -5.93 23.27
CA VAL A 83 0.58 -5.47 24.35
C VAL A 83 -0.74 -6.20 24.24
N SER A 84 -1.26 -6.67 25.37
CA SER A 84 -2.51 -7.42 25.36
C SER A 84 -3.19 -7.29 26.72
N PRO A 85 -4.52 -7.09 26.76
CA PRO A 85 -5.40 -6.96 25.59
C PRO A 85 -5.34 -5.57 24.94
N GLN A 86 -5.99 -5.41 23.79
CA GLN A 86 -5.93 -4.16 23.04
C GLN A 86 -7.18 -3.31 23.18
N ARG A 87 -8.36 -3.92 23.27
CA ARG A 87 -9.61 -3.19 23.34
C ARG A 87 -10.45 -3.71 24.50
N ILE A 88 -10.88 -2.80 25.37
CA ILE A 88 -11.68 -3.13 26.54
C ILE A 88 -12.82 -2.12 26.63
N ALA A 89 -14.05 -2.62 26.79
CA ALA A 89 -15.23 -1.78 26.92
C ALA A 89 -15.57 -1.62 28.41
N LEU A 90 -15.46 -0.40 28.90
CA LEU A 90 -15.80 -0.08 30.29
C LEU A 90 -17.16 0.58 30.37
N ARG A 91 -17.88 0.29 31.46
CA ARG A 91 -19.16 0.91 31.74
C ARG A 91 -19.18 1.29 33.21
N LEU A 92 -19.31 2.58 33.50
CA LEU A 92 -19.14 3.10 34.85
C LEU A 92 -20.41 3.75 35.37
N ARG A 93 -20.64 3.60 36.66
CA ARG A 93 -21.71 4.29 37.37
C ARG A 93 -21.19 5.61 37.94
N PRO A 94 -22.08 6.48 38.40
CA PRO A 94 -21.62 7.76 38.98
C PRO A 94 -20.66 7.53 40.14
N ASP A 95 -19.45 8.09 39.99
CA ASP A 95 -18.39 8.00 40.99
C ASP A 95 -18.03 6.53 41.28
N ASP A 96 -17.94 5.73 40.23
CA ASP A 96 -17.62 4.32 40.34
C ASP A 96 -16.26 4.03 39.69
N SER A 97 -15.76 2.82 39.93
CA SER A 97 -14.45 2.43 39.42
C SER A 97 -14.29 0.93 39.55
N LYS A 98 -13.79 0.30 38.48
CA LYS A 98 -13.43 -1.12 38.51
C LYS A 98 -12.07 -1.29 37.84
N ASN A 99 -11.47 -2.44 38.08
CA ASN A 99 -10.07 -2.68 37.74
C ASN A 99 -9.93 -3.63 36.56
N PHE A 100 -8.75 -3.60 35.94
CA PHE A 100 -8.41 -4.39 34.77
C PHE A 100 -6.90 -4.34 34.58
N SER A 101 -6.37 -5.36 33.90
CA SER A 101 -4.93 -5.55 33.81
C SER A 101 -4.45 -5.46 32.37
N ILE A 102 -3.14 -5.22 32.22
CA ILE A 102 -2.48 -5.17 30.92
C ILE A 102 -1.14 -5.89 31.06
N GLN A 103 -0.68 -6.48 29.96
CA GLN A 103 0.57 -7.23 29.95
C GLN A 103 1.40 -6.79 28.76
N VAL A 104 2.64 -6.38 29.02
CA VAL A 104 3.57 -5.90 28.00
C VAL A 104 4.74 -6.87 27.91
N ARG A 105 5.18 -7.15 26.68
CA ARG A 105 6.29 -8.08 26.45
C ARG A 105 6.95 -7.70 25.14
N GLN A 106 8.18 -7.22 25.19
CA GLN A 106 8.90 -6.77 24.00
C GLN A 106 9.42 -7.97 23.24
N VAL A 107 8.57 -8.53 22.38
CA VAL A 107 8.99 -9.66 21.55
C VAL A 107 9.92 -9.20 20.43
N GLU A 108 9.76 -7.96 19.97
CA GLU A 108 10.70 -7.33 19.08
C GLU A 108 11.77 -6.62 19.89
N ASP A 109 12.92 -6.37 19.26
CA ASP A 109 14.03 -5.74 19.97
C ASP A 109 13.68 -4.30 20.34
N GLY A 110 13.25 -3.51 19.37
CA GLY A 110 12.86 -2.14 19.64
C GLY A 110 13.36 -1.14 18.62
N ASN A 111 12.42 -0.41 17.99
CA ASN A 111 12.74 0.56 16.97
C ASN A 111 13.08 1.90 17.62
N VAL A 112 14.21 2.48 17.23
CA VAL A 112 14.73 3.71 17.83
C VAL A 112 15.14 4.67 16.73
N ASP A 113 14.73 5.93 16.88
CA ASP A 113 15.16 7.02 16.00
C ASP A 113 16.07 7.93 16.83
N LEU A 114 17.37 7.83 16.60
CA LEU A 114 18.38 8.54 17.39
C LEU A 114 19.01 9.63 16.54
N VAL A 115 19.21 10.81 17.14
CA VAL A 115 19.76 11.97 16.45
C VAL A 115 20.95 12.47 17.28
N PHE A 116 22.12 12.56 16.65
CA PHE A 116 23.31 13.11 17.30
C PHE A 116 23.30 14.62 17.10
N LEU A 117 22.92 15.35 18.15
CA LEU A 117 22.98 16.81 18.14
C LEU A 117 24.26 17.20 18.88
N PHE A 118 25.35 17.32 18.11
CA PHE A 118 26.68 17.50 18.69
C PHE A 118 27.15 18.95 18.51
N ASP A 119 27.79 19.47 19.55
CA ASP A 119 28.32 20.83 19.52
C ASP A 119 29.40 20.97 18.46
N GLY A 120 29.53 22.18 17.92
CA GLY A 120 30.58 22.49 16.98
C GLY A 120 31.11 23.89 17.19
N SER A 121 31.09 24.34 18.45
CA SER A 121 31.47 25.71 18.77
C SER A 121 32.98 25.91 18.60
N MET A 122 33.39 27.17 18.71
CA MET A 122 34.79 27.56 18.58
C MET A 122 35.65 27.09 19.75
N SER A 123 35.07 26.42 20.74
CA SER A 123 35.83 25.94 21.89
C SER A 123 36.42 24.56 21.70
N LEU A 124 36.01 23.83 20.66
CA LEU A 124 36.50 22.48 20.43
C LEU A 124 37.82 22.50 19.66
N GLN A 125 38.79 21.76 20.15
CA GLN A 125 40.00 21.50 19.36
C GLN A 125 39.67 20.53 18.24
N PRO A 126 40.44 20.56 17.14
CA PRO A 126 40.16 19.64 16.03
C PRO A 126 40.24 18.18 16.43
N ASP A 127 41.03 17.85 17.44
CA ASP A 127 41.12 16.46 17.90
C ASP A 127 39.85 16.02 18.60
N GLU A 128 39.38 16.80 19.57
CA GLU A 128 38.20 16.40 20.33
C GLU A 128 36.93 16.47 19.48
N PHE A 129 36.84 17.42 18.54
CA PHE A 129 35.73 17.41 17.60
C PHE A 129 35.77 16.14 16.75
N GLN A 130 36.98 15.69 16.38
CA GLN A 130 37.11 14.42 15.71
C GLN A 130 36.72 13.27 16.63
N LYS A 131 37.07 13.37 17.92
CA LYS A 131 36.67 12.34 18.88
C LYS A 131 35.15 12.27 19.00
N ILE A 132 34.47 13.42 18.94
CA ILE A 132 33.02 13.43 18.93
C ILE A 132 32.49 12.81 17.65
N LEU A 133 33.17 13.06 16.52
CA LEU A 133 32.83 12.39 15.27
C LEU A 133 33.10 10.89 15.37
N ASP A 134 34.26 10.53 15.91
CA ASP A 134 34.57 9.12 16.10
C ASP A 134 33.62 8.46 17.09
N PHE A 135 33.05 9.24 18.02
CA PHE A 135 32.05 8.72 18.94
C PHE A 135 30.78 8.33 18.19
N MET A 136 30.29 9.21 17.32
CA MET A 136 29.06 8.92 16.59
C MET A 136 29.24 7.73 15.65
N LYS A 137 30.33 7.72 14.88
CA LYS A 137 30.59 6.62 13.97
C LYS A 137 30.68 5.29 14.72
N ASP A 138 31.38 5.28 15.85
CA ASP A 138 31.49 4.05 16.65
C ASP A 138 30.14 3.60 17.16
N VAL A 139 29.28 4.54 17.56
CA VAL A 139 27.94 4.19 18.01
C VAL A 139 27.14 3.55 16.87
N MET A 140 27.25 4.13 15.67
CA MET A 140 26.53 3.61 14.51
C MET A 140 27.16 2.34 13.95
N LYS A 141 28.43 2.08 14.25
CA LYS A 141 29.11 0.92 13.68
C LYS A 141 28.69 -0.37 14.36
N LYS A 142 28.63 -0.40 15.68
CA LYS A 142 28.21 -1.60 16.39
C LYS A 142 26.70 -1.68 16.57
N LEU A 143 25.96 -0.71 16.04
CA LEU A 143 24.50 -0.73 16.08
C LEU A 143 23.88 -0.87 14.70
N SER A 144 24.69 -1.06 13.66
CA SER A 144 24.14 -1.49 12.38
C SER A 144 23.68 -2.94 12.50
N ASN A 145 22.74 -3.32 11.64
CA ASN A 145 22.02 -4.59 11.76
C ASN A 145 21.28 -4.68 13.09
N THR A 146 20.77 -3.54 13.55
CA THR A 146 19.81 -3.50 14.64
C THR A 146 18.59 -2.74 14.16
N SER A 147 17.62 -2.51 15.05
CA SER A 147 16.43 -1.73 14.71
C SER A 147 16.66 -0.23 14.89
N TYR A 148 17.91 0.21 14.89
CA TYR A 148 18.26 1.62 15.05
C TYR A 148 18.26 2.34 13.72
N GLN A 149 17.96 3.63 13.76
CA GLN A 149 18.06 4.52 12.61
C GLN A 149 18.58 5.87 13.12
N PHE A 150 19.58 6.41 12.44
CA PHE A 150 20.37 7.52 12.96
C PHE A 150 20.27 8.76 12.08
N ALA A 151 20.43 9.91 12.72
CA ALA A 151 20.63 11.18 12.07
C ALA A 151 21.71 11.94 12.84
N ALA A 152 22.16 13.06 12.30
CA ALA A 152 23.17 13.87 12.96
C ALA A 152 23.00 15.31 12.55
N VAL A 153 22.92 16.20 13.55
CA VAL A 153 22.71 17.62 13.33
C VAL A 153 23.83 18.37 14.05
N GLN A 154 24.85 18.80 13.30
CA GLN A 154 25.84 19.70 13.87
C GLN A 154 25.19 21.05 14.14
N PHE A 155 25.62 21.69 15.22
CA PHE A 155 25.09 23.01 15.54
C PHE A 155 26.15 23.84 16.22
N SER A 156 26.00 25.16 16.11
CA SER A 156 26.84 26.13 16.77
C SER A 156 26.13 27.47 16.79
N THR A 157 26.34 28.28 15.76
CA THR A 157 25.47 29.42 15.50
C THR A 157 24.30 28.99 14.61
N SER A 158 24.61 28.40 13.46
CA SER A 158 23.59 27.82 12.60
C SER A 158 23.35 26.37 12.99
N TYR A 159 22.35 25.76 12.35
CA TYR A 159 22.03 24.35 12.55
C TYR A 159 21.99 23.67 11.20
N LYS A 160 22.65 22.53 11.08
CA LYS A 160 22.76 21.82 9.81
C LYS A 160 22.56 20.33 10.04
N THR A 161 21.60 19.75 9.32
CA THR A 161 21.46 18.30 9.26
C THR A 161 22.58 17.73 8.41
N GLU A 162 23.48 16.97 9.03
CA GLU A 162 24.55 16.35 8.26
C GLU A 162 24.06 15.14 7.50
N PHE A 163 23.07 14.42 8.05
CA PHE A 163 22.36 13.36 7.37
C PHE A 163 21.16 12.98 8.22
N ASP A 164 20.07 12.60 7.57
CA ASP A 164 18.86 12.19 8.27
C ASP A 164 18.59 10.71 8.01
N PHE A 165 17.42 10.25 8.46
CA PHE A 165 17.14 8.82 8.49
C PHE A 165 17.05 8.24 7.09
N SER A 166 16.52 9.00 6.13
CA SER A 166 16.44 8.49 4.76
C SER A 166 17.82 8.21 4.18
N ASP A 167 18.83 8.97 4.61
CA ASP A 167 20.20 8.73 4.16
C ASP A 167 20.76 7.45 4.78
N TYR A 168 20.67 7.33 6.11
CA TYR A 168 21.24 6.19 6.80
C TYR A 168 20.62 4.87 6.33
N VAL A 169 19.28 4.83 6.26
CA VAL A 169 18.59 3.63 5.82
C VAL A 169 19.04 3.22 4.42
N LYS A 170 19.40 4.19 3.58
CA LYS A 170 19.87 3.91 2.24
C LYS A 170 21.31 3.41 2.23
N TRP A 171 22.21 4.10 2.92
CA TRP A 171 23.62 3.75 2.87
C TRP A 171 24.02 2.75 3.95
N LYS A 172 23.79 3.09 5.22
CA LYS A 172 24.37 2.38 6.36
C LYS A 172 25.89 2.39 6.27
N ASP A 173 26.44 3.58 6.00
CA ASP A 173 27.88 3.80 5.92
C ASP A 173 28.22 4.97 6.83
N PRO A 174 28.66 4.71 8.07
CA PRO A 174 28.90 5.82 9.01
C PRO A 174 29.93 6.82 8.53
N ASP A 175 31.03 6.35 7.93
CA ASP A 175 32.08 7.28 7.50
C ASP A 175 31.61 8.13 6.33
N ALA A 176 30.98 7.51 5.33
CA ALA A 176 30.54 8.25 4.15
C ALA A 176 29.34 9.15 4.44
N LEU A 177 28.62 8.91 5.54
CA LEU A 177 27.55 9.82 5.94
C LEU A 177 28.12 11.10 6.54
N LEU A 178 29.12 10.96 7.43
CA LEU A 178 29.70 12.07 8.14
C LEU A 178 31.03 12.53 7.54
N LYS A 179 31.32 12.14 6.30
CA LYS A 179 32.55 12.58 5.66
C LYS A 179 32.47 14.04 5.23
N HIS A 180 31.27 14.53 4.91
CA HIS A 180 31.08 15.92 4.53
C HIS A 180 31.11 16.87 5.72
N VAL A 181 31.16 16.35 6.94
CA VAL A 181 31.01 17.18 8.13
C VAL A 181 32.20 18.13 8.25
N LYS A 182 31.91 19.42 8.31
CA LYS A 182 32.92 20.45 8.54
C LYS A 182 32.66 21.13 9.87
N HIS A 183 33.73 21.50 10.56
CA HIS A 183 33.62 22.14 11.86
C HIS A 183 33.08 23.56 11.70
N MET A 184 32.03 23.89 12.45
CA MET A 184 31.38 25.19 12.29
C MET A 184 32.22 26.31 12.89
N LEU A 185 32.85 26.05 14.04
CA LEU A 185 33.75 27.01 14.70
C LEU A 185 33.03 28.33 14.99
N LEU A 186 31.95 28.23 15.76
CA LEU A 186 31.16 29.41 16.09
C LEU A 186 30.65 29.38 17.52
N LEU A 187 29.36 29.66 17.71
CA LEU A 187 28.79 29.83 19.04
C LEU A 187 28.06 28.57 19.51
N THR A 188 27.03 28.73 20.34
CA THR A 188 26.29 27.60 20.90
C THR A 188 24.84 28.04 21.11
N ASN A 189 24.03 27.88 20.07
CA ASN A 189 22.60 28.17 20.16
C ASN A 189 21.83 26.87 20.38
N THR A 190 21.94 26.36 21.62
CA THR A 190 21.40 25.05 21.95
C THR A 190 19.88 25.03 21.86
N PHE A 191 19.22 26.12 22.28
CA PHE A 191 17.77 26.18 22.25
C PHE A 191 17.23 26.00 20.83
N GLY A 192 17.68 26.85 19.91
CA GLY A 192 17.23 26.73 18.53
C GLY A 192 17.67 25.44 17.87
N ALA A 193 18.84 24.92 18.26
CA ALA A 193 19.30 23.66 17.70
C ALA A 193 18.42 22.50 18.14
N ILE A 194 17.91 22.55 19.37
CA ILE A 194 17.03 21.49 19.86
C ILE A 194 15.68 21.56 19.16
N ASN A 195 15.16 22.78 18.95
CA ASN A 195 13.93 22.94 18.20
C ASN A 195 14.06 22.44 16.78
N TYR A 196 15.24 22.66 16.17
CA TYR A 196 15.50 22.16 14.82
C TYR A 196 15.27 20.67 14.73
N VAL A 197 15.78 19.92 15.72
CA VAL A 197 15.64 18.46 15.69
C VAL A 197 14.19 18.06 15.88
N ALA A 198 13.45 18.81 16.72
CA ALA A 198 12.07 18.44 17.01
C ALA A 198 11.14 18.74 15.85
N THR A 199 11.42 19.79 15.08
CA THR A 199 10.52 20.26 14.05
C THR A 199 10.97 19.97 12.62
N GLU A 200 12.28 19.82 12.38
CA GLU A 200 12.80 19.67 11.04
C GLU A 200 13.40 18.30 10.75
N VAL A 201 13.83 17.57 11.77
CA VAL A 201 14.55 16.31 11.58
C VAL A 201 13.62 15.11 11.74
N PHE A 202 12.88 15.04 12.84
CA PHE A 202 11.99 13.91 13.10
C PHE A 202 10.77 13.92 12.18
N ARG A 203 10.97 14.24 10.91
CA ARG A 203 9.88 14.30 9.94
C ARG A 203 9.77 12.97 9.21
N GLU A 204 8.53 12.50 9.05
CA GLU A 204 8.31 11.19 8.45
C GLU A 204 8.82 11.13 7.02
N GLU A 205 8.80 12.25 6.29
CA GLU A 205 9.31 12.28 4.94
C GLU A 205 10.84 12.27 4.89
N LEU A 206 11.51 12.36 6.04
CA LEU A 206 12.96 12.29 6.13
C LEU A 206 13.42 10.98 6.78
N GLY A 207 12.66 9.91 6.58
CA GLY A 207 13.01 8.59 7.07
C GLY A 207 12.56 8.28 8.48
N ALA A 208 11.84 9.18 9.13
CA ALA A 208 11.40 8.94 10.50
C ALA A 208 10.28 7.91 10.54
N ARG A 209 10.22 7.18 11.66
CA ARG A 209 9.18 6.18 11.88
C ARG A 209 8.24 6.70 12.96
N PRO A 210 6.93 6.82 12.69
CA PRO A 210 6.03 7.47 13.66
C PRO A 210 5.77 6.67 14.92
N ASP A 211 6.28 5.44 15.02
CA ASP A 211 6.04 4.61 16.20
C ASP A 211 7.30 4.30 16.98
N ALA A 212 8.47 4.73 16.50
CA ALA A 212 9.73 4.41 17.16
C ALA A 212 9.98 5.37 18.32
N THR A 213 11.11 5.16 19.00
CA THR A 213 11.48 5.97 20.16
C THR A 213 12.27 7.19 19.68
N LYS A 214 11.85 8.37 20.13
CA LYS A 214 12.54 9.61 19.80
C LYS A 214 13.66 9.81 20.82
N VAL A 215 14.90 9.72 20.36
CA VAL A 215 16.08 9.80 21.22
C VAL A 215 16.99 10.90 20.71
N LEU A 216 17.32 11.84 21.58
CA LEU A 216 18.27 12.91 21.28
C LEU A 216 19.50 12.75 22.17
N ILE A 217 20.67 12.87 21.57
CA ILE A 217 21.94 12.72 22.29
C ILE A 217 22.71 14.02 22.08
N ILE A 218 22.55 14.95 23.01
CA ILE A 218 23.17 16.27 22.91
C ILE A 218 24.57 16.20 23.51
N ILE A 219 25.57 16.57 22.71
CA ILE A 219 26.96 16.58 23.13
C ILE A 219 27.46 18.01 23.06
N THR A 220 27.89 18.55 24.20
CA THR A 220 28.26 19.95 24.30
C THR A 220 29.55 20.10 25.09
N ASP A 221 30.24 21.22 24.84
CA ASP A 221 31.45 21.57 25.59
C ASP A 221 31.31 22.84 26.41
N GLY A 222 30.19 23.55 26.29
CA GLY A 222 29.99 24.78 27.03
C GLY A 222 28.52 25.09 27.18
N GLU A 223 28.24 26.28 27.70
CA GLU A 223 26.88 26.71 27.97
C GLU A 223 26.28 27.35 26.71
N ALA A 224 24.95 27.37 26.66
CA ALA A 224 24.25 27.87 25.48
C ALA A 224 24.34 29.39 25.40
N THR A 225 24.58 29.88 24.19
CA THR A 225 24.69 31.32 23.96
C THR A 225 23.37 31.99 23.64
N ASP A 226 22.30 31.22 23.41
CA ASP A 226 20.99 31.78 23.11
C ASP A 226 20.06 31.57 24.30
N SER A 227 18.77 31.84 24.08
CA SER A 227 17.76 31.72 25.13
C SER A 227 16.41 31.45 24.50
N GLY A 228 15.59 30.65 25.18
CA GLY A 228 14.27 30.33 24.68
C GLY A 228 13.63 29.19 25.45
N ASN A 229 12.89 28.37 24.74
CA ASN A 229 12.20 27.22 25.32
C ASN A 229 12.24 26.06 24.34
N ILE A 230 12.35 24.84 24.87
CA ILE A 230 12.44 23.64 24.04
C ILE A 230 11.15 22.83 24.16
N ASP A 231 10.02 23.53 24.24
CA ASP A 231 8.75 22.84 24.41
C ASP A 231 8.41 21.96 23.22
N ALA A 232 8.91 22.32 22.02
CA ALA A 232 8.65 21.50 20.85
C ALA A 232 9.23 20.10 21.01
N ALA A 233 10.33 19.97 21.73
CA ALA A 233 10.96 18.67 22.01
C ALA A 233 10.66 18.22 23.43
N LYS A 234 9.37 18.01 23.70
CA LYS A 234 8.94 17.52 25.00
C LYS A 234 8.61 16.03 24.99
N ASP A 235 8.43 15.43 23.80
CA ASP A 235 8.17 14.00 23.68
C ASP A 235 9.37 13.25 23.12
N ILE A 236 10.57 13.82 23.24
CA ILE A 236 11.80 13.20 22.78
C ILE A 236 12.66 12.90 24.00
N ILE A 237 13.12 11.65 24.09
CA ILE A 237 14.02 11.26 25.18
C ILE A 237 15.38 11.93 24.94
N ARG A 238 15.75 12.85 25.82
CA ARG A 238 16.91 13.70 25.62
C ARG A 238 18.02 13.35 26.60
N TYR A 239 19.20 13.07 26.06
CA TYR A 239 20.43 12.93 26.84
C TYR A 239 21.37 14.07 26.46
N ILE A 240 21.80 14.85 27.45
CA ILE A 240 22.77 15.91 27.24
C ILE A 240 24.07 15.50 27.91
N ILE A 241 25.18 15.88 27.30
CA ILE A 241 26.51 15.41 27.70
C ILE A 241 27.42 16.64 27.65
N GLY A 242 27.52 17.35 28.78
CA GLY A 242 28.50 18.41 28.87
C GLY A 242 29.88 17.82 29.11
N ILE A 243 30.88 18.39 28.45
CA ILE A 243 32.23 17.81 28.44
C ILE A 243 33.24 18.93 28.61
N GLY A 244 34.10 18.80 29.61
CA GLY A 244 35.33 19.57 29.61
C GLY A 244 35.49 20.68 30.63
N LYS A 245 36.30 21.67 30.27
CA LYS A 245 36.71 22.72 31.19
C LYS A 245 35.54 23.59 31.63
N HIS A 246 34.52 23.74 30.78
CA HIS A 246 33.42 24.66 31.06
C HIS A 246 32.25 23.98 31.76
N PHE A 247 32.50 22.84 32.42
CA PHE A 247 31.53 22.25 33.33
C PHE A 247 32.22 21.74 34.60
N GLN A 248 33.40 22.29 34.91
CA GLN A 248 34.15 21.85 36.09
C GLN A 248 33.45 22.23 37.38
N THR A 249 32.66 23.30 37.37
CA THR A 249 31.89 23.70 38.52
C THR A 249 30.54 23.00 38.52
N LYS A 250 29.98 22.81 39.72
CA LYS A 250 28.66 22.23 39.83
C LYS A 250 27.58 23.18 39.33
N GLU A 251 27.84 24.49 39.34
CA GLU A 251 26.88 25.44 38.78
C GLU A 251 26.71 25.24 37.28
N SER A 252 27.83 25.26 36.55
CA SER A 252 27.78 25.25 35.10
C SER A 252 27.15 23.96 34.57
N GLN A 253 27.34 22.84 35.26
CA GLN A 253 26.77 21.58 34.80
C GLN A 253 25.29 21.43 35.19
N GLU A 254 24.76 22.34 36.00
CA GLU A 254 23.33 22.33 36.30
C GLU A 254 22.50 23.04 35.24
N THR A 255 23.13 23.86 34.40
CA THR A 255 22.39 24.59 33.39
C THR A 255 21.79 23.66 32.34
N LEU A 256 22.47 22.55 32.04
CA LEU A 256 22.01 21.61 31.02
C LEU A 256 20.74 20.88 31.41
N HIS A 257 20.25 21.07 32.64
CA HIS A 257 19.06 20.36 33.10
C HIS A 257 17.82 20.79 32.31
N LYS A 258 17.73 22.08 31.95
CA LYS A 258 16.57 22.56 31.23
C LYS A 258 16.44 21.91 29.86
N PHE A 259 17.56 21.50 29.25
CA PHE A 259 17.48 20.78 27.99
C PHE A 259 17.26 19.29 28.20
N ALA A 260 17.95 18.72 29.18
CA ALA A 260 17.92 17.28 29.42
C ALA A 260 16.53 16.83 29.85
N SER A 261 16.27 15.54 29.64
CA SER A 261 15.05 14.93 30.14
C SER A 261 15.15 14.69 31.64
N LYS A 262 14.02 14.28 32.24
CA LYS A 262 14.00 14.09 33.68
C LYS A 262 13.84 12.61 34.01
N PRO A 263 14.52 12.11 35.06
CA PRO A 263 15.38 12.86 35.98
C PRO A 263 16.74 13.22 35.40
N ALA A 264 17.20 14.44 35.70
CA ALA A 264 18.50 14.90 35.21
C ALA A 264 19.66 14.11 35.79
N SER A 265 19.45 13.35 36.87
CA SER A 265 20.50 12.46 37.36
C SER A 265 20.79 11.36 36.35
N GLU A 266 19.79 10.97 35.58
CA GLU A 266 19.93 9.92 34.57
C GLU A 266 20.32 10.47 33.20
N PHE A 267 19.84 11.66 32.84
CA PHE A 267 19.99 12.17 31.49
C PHE A 267 21.04 13.28 31.35
N VAL A 268 21.71 13.64 32.44
CA VAL A 268 22.87 14.52 32.38
C VAL A 268 24.12 13.66 32.63
N LYS A 269 25.10 13.77 31.73
CA LYS A 269 26.33 12.99 31.81
C LYS A 269 27.50 13.94 31.62
N ILE A 270 28.08 14.39 32.72
CA ILE A 270 29.20 15.33 32.70
C ILE A 270 30.50 14.56 32.57
N LEU A 271 31.32 14.94 31.60
CA LEU A 271 32.63 14.34 31.39
C LEU A 271 33.72 15.40 31.49
N ASP A 272 34.89 15.00 31.96
CA ASP A 272 36.05 15.87 32.01
C ASP A 272 36.94 15.73 30.79
N THR A 273 36.91 14.57 30.12
CA THR A 273 37.74 14.31 28.96
C THR A 273 36.90 13.70 27.85
N PHE A 274 37.26 14.03 26.60
CA PHE A 274 36.56 13.47 25.45
C PHE A 274 36.90 12.01 25.22
N GLU A 275 37.92 11.47 25.91
CA GLU A 275 38.24 10.05 25.78
C GLU A 275 37.16 9.18 26.39
N LYS A 276 36.59 9.62 27.52
CA LYS A 276 35.52 8.88 28.18
C LYS A 276 34.23 8.77 27.35
N LEU A 277 34.20 9.33 26.14
CA LEU A 277 33.02 9.18 25.30
C LEU A 277 32.83 7.75 24.84
N LYS A 278 33.94 7.01 24.64
CA LYS A 278 33.84 5.62 24.23
C LYS A 278 33.00 4.81 25.21
N ASP A 279 33.37 4.84 26.49
CA ASP A 279 32.70 4.02 27.48
C ASP A 279 31.34 4.60 27.87
N LEU A 280 31.12 5.90 27.66
CA LEU A 280 29.90 6.54 28.14
C LEU A 280 28.67 5.97 27.46
N PHE A 281 28.74 5.71 26.15
CA PHE A 281 27.54 5.26 25.44
C PHE A 281 27.24 3.79 25.71
N THR A 282 28.26 2.96 25.97
CA THR A 282 28.02 1.56 26.24
C THR A 282 27.15 1.36 27.48
N GLU A 283 27.00 2.38 28.32
CA GLU A 283 26.14 2.32 29.49
C GLU A 283 24.80 3.01 29.29
N LEU A 284 24.76 4.07 28.48
CA LEU A 284 23.48 4.63 28.06
C LEU A 284 22.72 3.61 27.21
N GLN A 285 23.44 2.87 26.38
CA GLN A 285 22.83 1.84 25.52
C GLN A 285 22.12 0.77 26.33
N LYS A 286 22.48 0.61 27.61
CA LYS A 286 21.83 -0.36 28.49
C LYS A 286 20.56 0.19 29.13
N LYS A 287 20.29 1.49 28.99
CA LYS A 287 19.11 2.11 29.60
C LYS A 287 18.13 2.65 28.56
N ILE A 288 18.34 2.37 27.27
CA ILE A 288 17.53 2.96 26.21
C ILE A 288 16.33 2.07 25.91
N ARG A 289 16.58 0.83 25.48
CA ARG A 289 15.53 -0.10 25.09
C ARG A 289 15.20 -1.10 26.19
N SER A 290 15.50 -0.77 27.45
CA SER A 290 15.33 -1.69 28.55
C SER A 290 14.21 -1.30 29.50
N LYS A 291 13.48 -0.23 29.22
CA LYS A 291 12.41 0.24 30.10
C LYS A 291 11.14 0.44 29.29
N VAL A 292 10.03 -0.10 29.79
CA VAL A 292 8.71 0.10 29.20
C VAL A 292 7.93 1.03 30.12
N GLU A 293 7.61 2.22 29.62
CA GLU A 293 6.85 3.20 30.38
C GLU A 293 5.52 3.43 29.67
N LEU A 294 4.42 3.18 30.38
CA LEU A 294 3.11 3.37 29.81
C LEU A 294 2.85 4.86 29.56
N GLU A 295 2.00 5.13 28.58
CA GLU A 295 1.73 6.49 28.12
C GLU A 295 0.24 6.66 27.97
N VAL A 296 -0.37 7.46 28.84
CA VAL A 296 -1.81 7.70 28.81
C VAL A 296 -2.09 8.84 27.84
N ARG A 297 -2.93 8.56 26.84
CA ARG A 297 -3.24 9.52 25.79
C ARG A 297 -4.74 9.82 25.74
N ASP A 298 -5.06 11.09 25.44
CA ASP A 298 -6.43 11.52 25.20
C ASP A 298 -7.34 11.19 26.38
N LEU A 299 -6.79 11.27 27.59
CA LEU A 299 -7.55 10.90 28.77
C LEU A 299 -8.63 11.93 29.05
N PRO A 300 -9.89 11.53 29.16
CA PRO A 300 -10.94 12.48 29.55
C PRO A 300 -10.66 13.06 30.93
N GLU A 301 -11.09 14.32 31.11
CA GLU A 301 -10.81 15.04 32.35
C GLU A 301 -11.48 14.40 33.56
N GLU A 302 -12.67 13.83 33.38
CA GLU A 302 -13.45 13.30 34.49
C GLU A 302 -13.03 11.89 34.90
N LEU A 303 -11.95 11.35 34.35
CA LEU A 303 -11.50 10.00 34.65
C LEU A 303 -10.31 10.05 35.60
N SER A 304 -10.44 9.41 36.75
CA SER A 304 -9.33 9.24 37.68
C SER A 304 -8.47 8.06 37.25
N LEU A 305 -7.40 7.78 37.99
CA LEU A 305 -6.47 6.74 37.60
C LEU A 305 -5.90 6.05 38.83
N SER A 306 -5.18 4.95 38.57
CA SER A 306 -4.45 4.17 39.57
C SER A 306 -3.63 3.13 38.83
N PHE A 307 -2.52 2.70 39.45
CA PHE A 307 -1.64 1.72 38.81
C PHE A 307 -1.04 0.82 39.87
N ASN A 308 -0.96 -0.48 39.55
CA ASN A 308 -0.29 -1.47 40.39
C ASN A 308 0.59 -2.30 39.46
N ALA A 309 1.88 -1.96 39.40
CA ALA A 309 2.79 -2.57 38.45
C ALA A 309 3.49 -3.78 39.06
N THR A 310 3.59 -4.84 38.27
CA THR A 310 4.32 -6.05 38.63
C THR A 310 5.50 -6.16 37.68
N CYS A 311 6.70 -5.85 38.18
CA CYS A 311 7.87 -5.70 37.31
C CYS A 311 8.75 -6.93 37.28
N LEU A 312 9.82 -6.94 38.06
CA LEU A 312 10.88 -7.94 37.94
C LEU A 312 10.37 -9.34 38.27
N ASN A 313 10.33 -9.68 39.55
CA ASN A 313 9.88 -11.00 40.01
C ASN A 313 8.70 -10.80 40.95
N ASN A 314 7.52 -10.56 40.37
CA ASN A 314 6.27 -10.35 41.12
C ASN A 314 6.39 -9.22 42.12
N GLU A 315 7.25 -8.24 41.84
CA GLU A 315 7.37 -7.08 42.72
C GLU A 315 6.18 -6.16 42.52
N VAL A 316 5.12 -6.38 43.31
CA VAL A 316 3.91 -5.57 43.21
C VAL A 316 4.19 -4.17 43.76
N ILE A 317 4.40 -3.23 42.86
CA ILE A 317 4.67 -1.83 43.23
C ILE A 317 3.45 -0.99 42.88
N PRO A 318 2.63 -0.61 43.86
CA PRO A 318 1.47 0.24 43.56
C PRO A 318 1.89 1.62 43.08
N GLY A 319 1.05 2.20 42.21
CA GLY A 319 1.27 3.52 41.66
C GLY A 319 2.18 3.57 40.45
N LEU A 320 3.13 2.64 40.34
CA LEU A 320 4.18 2.76 39.33
C LEU A 320 3.63 2.59 37.92
N LYS A 321 4.29 3.27 36.97
CA LYS A 321 3.88 3.25 35.57
C LYS A 321 4.87 2.57 34.66
N SER A 322 6.11 2.35 35.10
CA SER A 322 7.17 1.82 34.24
C SER A 322 7.92 0.70 34.95
N CYS A 323 8.23 -0.35 34.21
CA CYS A 323 9.07 -1.45 34.68
C CYS A 323 10.33 -1.47 33.83
N MET A 324 11.48 -1.27 34.47
CA MET A 324 12.74 -1.04 33.78
C MET A 324 13.65 -2.27 33.89
N GLY A 325 14.75 -2.22 33.14
CA GLY A 325 15.76 -3.26 33.19
C GLY A 325 15.37 -4.57 32.57
N LEU A 326 14.55 -4.54 31.52
CA LEU A 326 14.05 -5.75 30.90
C LEU A 326 14.93 -6.20 29.74
N LYS A 327 14.72 -7.44 29.31
CA LYS A 327 15.42 -8.03 28.18
C LYS A 327 14.39 -8.47 27.14
N ILE A 328 14.87 -9.16 26.10
CA ILE A 328 13.99 -9.63 25.04
C ILE A 328 13.19 -10.83 25.53
N GLY A 329 11.87 -10.75 25.39
CA GLY A 329 10.98 -11.82 25.80
C GLY A 329 10.40 -11.67 27.18
N ASP A 330 10.93 -10.77 28.01
CA ASP A 330 10.42 -10.60 29.36
C ASP A 330 9.03 -10.00 29.34
N THR A 331 8.18 -10.48 30.26
CA THR A 331 6.78 -10.08 30.34
C THR A 331 6.52 -9.35 31.65
N VAL A 332 5.80 -8.23 31.57
CA VAL A 332 5.39 -7.49 32.75
C VAL A 332 3.87 -7.42 32.80
N SER A 333 3.32 -6.81 33.85
CA SER A 333 1.88 -6.70 33.98
C SER A 333 1.55 -5.49 34.85
N PHE A 334 0.45 -4.80 34.51
CA PHE A 334 0.01 -3.62 35.23
C PHE A 334 -1.49 -3.74 35.49
N SER A 335 -1.88 -3.53 36.75
CA SER A 335 -3.29 -3.47 37.13
C SER A 335 -3.70 -2.01 37.27
N ILE A 336 -4.83 -1.64 36.69
CA ILE A 336 -5.24 -0.24 36.58
C ILE A 336 -6.67 -0.11 37.08
N GLU A 337 -6.93 0.98 37.82
CA GLU A 337 -8.27 1.32 38.28
C GLU A 337 -8.60 2.73 37.80
N ALA A 338 -9.80 2.89 37.26
CA ALA A 338 -10.23 4.16 36.66
C ALA A 338 -11.52 4.62 37.31
N LYS A 339 -11.47 5.72 38.03
CA LYS A 339 -12.64 6.31 38.68
C LYS A 339 -13.16 7.47 37.85
N VAL A 340 -14.47 7.72 37.97
CA VAL A 340 -15.12 8.82 37.28
C VAL A 340 -15.64 9.80 38.34
N ARG A 341 -15.68 11.08 37.96
CA ARG A 341 -16.22 12.13 38.82
C ARG A 341 -17.62 12.48 38.31
N GLY A 342 -18.63 11.92 38.96
CA GLY A 342 -19.99 12.22 38.57
C GLY A 342 -20.37 11.49 37.30
N CYS A 343 -20.98 12.21 36.36
CA CYS A 343 -21.47 11.64 35.12
C CYS A 343 -21.33 12.66 34.01
N PRO A 344 -20.31 12.54 33.16
CA PRO A 344 -20.20 13.42 31.99
C PRO A 344 -21.31 13.16 30.99
N GLN A 345 -21.55 14.16 30.14
CA GLN A 345 -22.60 14.03 29.13
C GLN A 345 -22.17 13.10 27.99
N GLU A 346 -20.95 13.29 27.49
CA GLU A 346 -20.40 12.55 26.35
C GLU A 346 -20.75 11.08 26.43
N LYS A 347 -21.65 10.63 25.54
CA LYS A 347 -22.20 9.28 25.63
C LYS A 347 -21.12 8.22 25.59
N GLU A 348 -20.08 8.42 24.78
CA GLU A 348 -19.00 7.46 24.65
C GLU A 348 -17.67 8.19 24.53
N LYS A 349 -16.69 7.77 25.33
CA LYS A 349 -15.34 8.29 25.26
C LYS A 349 -14.37 7.16 24.96
N SER A 350 -13.20 7.53 24.44
CA SER A 350 -12.20 6.54 24.06
C SER A 350 -10.81 7.12 24.31
N PHE A 351 -10.04 6.45 25.17
CA PHE A 351 -8.68 6.86 25.48
C PHE A 351 -7.75 5.67 25.37
N THR A 352 -6.48 5.95 25.08
CA THR A 352 -5.49 4.93 24.75
C THR A 352 -4.41 4.85 25.83
N ILE A 353 -4.04 3.63 26.19
CA ILE A 353 -2.87 3.35 27.02
C ILE A 353 -1.88 2.57 26.17
N LYS A 354 -0.67 3.11 26.01
CA LYS A 354 0.33 2.53 25.12
C LYS A 354 1.71 2.72 25.74
N PRO A 355 2.58 1.72 25.68
CA PRO A 355 3.97 1.93 26.09
C PRO A 355 4.71 2.78 25.09
N VAL A 356 5.66 3.58 25.59
CA VAL A 356 6.43 4.48 24.74
C VAL A 356 7.31 3.66 23.80
N GLY A 357 7.35 4.07 22.54
CA GLY A 357 8.14 3.38 21.53
C GLY A 357 7.49 2.15 20.94
N PHE A 358 6.26 1.84 21.33
CA PHE A 358 5.52 0.69 20.82
C PHE A 358 4.38 1.15 19.93
N LYS A 359 3.86 0.21 19.14
CA LYS A 359 2.66 0.48 18.35
C LYS A 359 1.45 -0.32 18.81
N ASP A 360 1.65 -1.38 19.58
CA ASP A 360 0.53 -2.09 20.19
C ASP A 360 0.06 -1.33 21.42
N SER A 361 -1.24 -1.10 21.51
CA SER A 361 -1.80 -0.23 22.54
C SER A 361 -3.08 -0.83 23.09
N LEU A 362 -3.44 -0.38 24.29
CA LEU A 362 -4.71 -0.72 24.91
C LEU A 362 -5.66 0.47 24.76
N ILE A 363 -6.77 0.24 24.06
CA ILE A 363 -7.78 1.27 23.82
C ILE A 363 -8.99 0.95 24.68
N VAL A 364 -9.47 1.95 25.42
CA VAL A 364 -10.54 1.79 26.39
C VAL A 364 -11.75 2.59 25.92
N GLN A 365 -12.86 1.91 25.70
CA GLN A 365 -14.14 2.55 25.37
C GLN A 365 -14.98 2.59 26.64
N VAL A 366 -15.19 3.79 27.18
CA VAL A 366 -15.89 3.96 28.45
C VAL A 366 -17.25 4.59 28.15
N THR A 367 -18.32 3.84 28.40
CA THR A 367 -19.69 4.31 28.29
C THR A 367 -20.26 4.44 29.69
N PHE A 368 -20.64 5.65 30.08
CA PHE A 368 -21.14 5.89 31.42
C PHE A 368 -22.59 5.46 31.55
N ASP A 369 -22.94 4.95 32.72
CA ASP A 369 -24.27 4.44 33.02
C ASP A 369 -24.82 5.24 34.19
N CYS A 370 -25.69 6.21 33.89
CA CYS A 370 -26.21 7.11 34.92
C CYS A 370 -27.73 7.16 34.90
N ASP A 371 -28.31 7.34 33.71
CA ASP A 371 -29.76 7.42 33.59
C ASP A 371 -30.40 6.08 33.93
N CYS A 372 -31.60 6.15 34.50
CA CYS A 372 -32.35 4.95 34.81
C CYS A 372 -33.12 4.46 33.58
N ALA A 373 -33.61 3.23 33.65
CA ALA A 373 -34.35 2.63 32.56
C ALA A 373 -35.85 2.84 32.68
N CYS A 374 -36.32 3.42 33.78
CA CYS A 374 -37.74 3.70 33.98
C CYS A 374 -38.17 5.03 33.38
N GLN A 375 -37.35 5.63 32.51
CA GLN A 375 -37.80 6.78 31.75
C GLN A 375 -38.87 6.40 30.74
N ALA A 376 -38.92 5.12 30.34
CA ALA A 376 -40.12 4.58 29.71
C ALA A 376 -41.29 4.76 30.65
N GLN A 377 -42.28 5.54 30.21
CA GLN A 377 -43.36 6.06 31.04
C GLN A 377 -42.82 7.10 32.03
N ALA A 378 -42.13 8.11 31.49
CA ALA A 378 -41.77 9.28 32.28
C ALA A 378 -43.01 10.11 32.58
N GLU A 379 -43.83 10.36 31.55
CA GLU A 379 -45.17 10.92 31.69
C GLU A 379 -45.14 12.31 32.30
N PRO A 380 -44.97 13.36 31.50
CA PRO A 380 -44.99 14.72 32.05
C PRO A 380 -46.36 15.07 32.60
N ASN A 381 -46.35 15.68 33.80
CA ASN A 381 -47.55 16.07 34.54
C ASN A 381 -48.67 15.03 34.42
N SER A 382 -48.57 13.95 35.17
CA SER A 382 -49.50 12.84 35.04
C SER A 382 -50.77 13.07 35.85
N HIS A 383 -51.75 12.21 35.61
CA HIS A 383 -52.98 12.21 36.39
C HIS A 383 -52.73 11.80 37.84
N ARG A 384 -51.62 11.10 38.12
CA ARG A 384 -51.35 10.65 39.47
C ARG A 384 -50.76 11.78 40.32
N CYS A 385 -49.95 12.64 39.73
CA CYS A 385 -49.38 13.80 40.42
C CYS A 385 -50.16 15.07 40.15
N ASN A 386 -51.45 14.95 39.84
CA ASN A 386 -52.33 16.04 39.44
C ASN A 386 -51.90 16.61 38.08
N ASN A 387 -52.87 17.04 37.27
CA ASN A 387 -52.57 17.49 35.91
C ASN A 387 -51.72 18.74 35.95
N GLY A 388 -50.89 18.91 34.91
CA GLY A 388 -50.06 20.08 34.76
C GLY A 388 -49.05 20.33 35.88
N ASN A 389 -48.89 19.41 36.83
CA ASN A 389 -48.13 19.72 38.03
C ASN A 389 -46.96 18.79 38.35
N GLY A 390 -46.97 17.54 37.88
CA GLY A 390 -45.91 16.63 38.31
C GLY A 390 -45.61 15.43 37.42
N THR A 391 -44.35 15.29 37.02
CA THR A 391 -43.93 14.18 36.18
C THR A 391 -43.88 12.89 36.99
N PHE A 392 -44.45 11.81 36.45
CA PHE A 392 -44.51 10.55 37.17
C PHE A 392 -43.54 9.55 36.55
N GLU A 393 -42.26 9.77 36.84
CA GLU A 393 -41.18 8.92 36.37
C GLU A 393 -40.68 8.04 37.50
N CYS A 394 -40.47 6.76 37.19
CA CYS A 394 -39.91 5.80 38.15
C CYS A 394 -40.72 5.75 39.44
N GLY A 395 -42.04 5.81 39.31
CA GLY A 395 -42.95 5.63 40.42
C GLY A 395 -43.06 6.78 41.39
N VAL A 396 -42.42 7.92 41.12
CA VAL A 396 -42.47 9.07 42.01
C VAL A 396 -42.88 10.29 41.19
N CYS A 397 -43.14 11.39 41.90
CA CYS A 397 -43.56 12.65 41.30
C CYS A 397 -42.40 13.64 41.37
N ARG A 398 -41.96 14.10 40.20
CA ARG A 398 -40.99 15.19 40.10
C ARG A 398 -41.78 16.43 39.69
N CYS A 399 -42.24 17.20 40.67
CA CYS A 399 -43.17 18.29 40.44
C CYS A 399 -42.48 19.47 39.77
N GLY A 400 -43.29 20.31 39.13
CA GLY A 400 -42.79 21.47 38.43
C GLY A 400 -42.61 22.66 39.33
N PRO A 401 -43.06 23.83 38.88
CA PRO A 401 -42.86 25.06 39.67
C PRO A 401 -43.92 25.24 40.74
N GLY A 402 -43.49 25.71 41.91
CA GLY A 402 -44.35 25.95 43.06
C GLY A 402 -44.83 24.74 43.84
N TRP A 403 -45.17 23.66 43.14
CA TRP A 403 -45.70 22.46 43.77
C TRP A 403 -44.57 21.52 44.17
N LEU A 404 -44.75 20.86 45.31
CA LEU A 404 -43.77 19.91 45.83
C LEU A 404 -44.52 18.80 46.56
N GLY A 405 -43.78 17.92 47.23
CA GLY A 405 -44.38 16.91 48.06
C GLY A 405 -44.67 15.61 47.33
N SER A 406 -45.57 14.83 47.94
CA SER A 406 -45.91 13.49 47.45
C SER A 406 -46.60 13.55 46.11
N GLN A 407 -47.92 13.73 46.11
CA GLN A 407 -48.69 13.87 44.88
C GLN A 407 -48.65 15.29 44.31
N CYS A 408 -47.58 16.04 44.61
CA CYS A 408 -47.44 17.44 44.24
C CYS A 408 -48.57 18.28 44.82
N GLU A 409 -48.28 19.02 45.89
CA GLU A 409 -49.27 19.86 46.56
C GLU A 409 -48.65 21.08 47.22
N CYS A 410 -47.52 20.90 47.91
CA CYS A 410 -46.83 21.97 48.63
C CYS A 410 -46.84 23.28 47.86
N SER A 411 -47.21 24.36 48.56
CA SER A 411 -47.22 25.69 47.97
C SER A 411 -45.87 26.37 48.20
N GLU A 412 -45.71 27.07 49.33
CA GLU A 412 -44.43 27.66 49.71
C GLU A 412 -43.89 27.10 51.01
N GLU A 413 -44.47 26.00 51.50
CA GLU A 413 -43.96 25.05 52.51
C GLU A 413 -43.13 25.61 53.67
N ASP A 414 -42.43 24.72 54.37
CA ASP A 414 -41.53 25.09 55.47
C ASP A 414 -40.17 24.43 55.35
N TYR A 415 -39.89 23.75 54.24
CA TYR A 415 -38.59 23.19 53.87
C TYR A 415 -38.25 21.91 54.62
N ARG A 416 -39.27 21.15 55.04
CA ARG A 416 -39.25 19.75 55.47
C ARG A 416 -40.54 19.39 56.21
N PRO A 417 -41.01 18.15 56.09
CA PRO A 417 -42.20 17.75 56.85
C PRO A 417 -41.93 17.67 58.35
N SER A 418 -40.97 16.83 58.75
CA SER A 418 -40.55 16.66 60.14
C SER A 418 -41.76 16.22 60.96
N GLN A 419 -42.14 16.93 62.02
CA GLN A 419 -43.26 16.52 62.85
C GLN A 419 -44.58 16.86 62.15
N GLN A 420 -45.37 15.83 61.89
CA GLN A 420 -46.62 15.98 61.15
C GLN A 420 -47.77 16.45 62.03
N ASP A 421 -47.57 16.63 63.33
CA ASP A 421 -48.60 17.07 64.25
C ASP A 421 -48.78 18.58 64.27
N GLU A 422 -48.34 19.28 63.23
CA GLU A 422 -48.53 20.72 63.12
C GLU A 422 -49.98 21.08 62.80
N CYS A 423 -50.77 20.12 62.34
CA CYS A 423 -52.11 20.37 61.82
C CYS A 423 -53.19 20.38 62.89
N SER A 424 -52.85 20.18 64.16
CA SER A 424 -53.84 20.16 65.23
C SER A 424 -53.19 20.64 66.51
N PRO A 425 -53.98 21.18 67.45
CA PRO A 425 -53.39 21.70 68.69
C PRO A 425 -53.05 20.64 69.73
N ARG A 426 -53.64 19.45 69.68
CA ARG A 426 -53.40 18.47 70.73
C ARG A 426 -53.65 17.07 70.20
N GLU A 427 -53.13 16.08 70.95
CA GLU A 427 -53.19 14.67 70.59
C GLU A 427 -54.60 14.21 70.26
N GLY A 428 -55.48 14.19 71.26
CA GLY A 428 -56.84 13.70 71.07
C GLY A 428 -57.76 14.72 70.43
N GLN A 429 -57.37 15.26 69.28
CA GLN A 429 -58.16 16.22 68.54
C GLN A 429 -58.07 15.92 67.06
N PRO A 430 -59.15 16.17 66.31
CA PRO A 430 -59.07 16.05 64.85
C PRO A 430 -58.12 17.08 64.26
N VAL A 431 -57.68 16.80 63.05
CA VAL A 431 -56.73 17.67 62.36
C VAL A 431 -57.48 18.73 61.57
N CYS A 432 -56.85 19.90 61.43
CA CYS A 432 -57.35 21.00 60.61
C CYS A 432 -58.70 21.54 61.08
N SER A 433 -59.12 21.20 62.31
CA SER A 433 -60.41 21.62 62.85
C SER A 433 -61.56 21.20 61.93
N GLN A 434 -61.41 20.02 61.33
CA GLN A 434 -62.45 19.41 60.49
C GLN A 434 -62.87 20.31 59.33
N ARG A 435 -61.93 21.10 58.81
CA ARG A 435 -62.21 21.99 57.69
C ARG A 435 -60.99 22.08 56.77
N GLY A 436 -60.48 20.94 56.35
CA GLY A 436 -59.33 20.91 55.48
C GLY A 436 -58.56 19.62 55.65
N GLU A 437 -57.41 19.56 54.98
CA GLU A 437 -56.53 18.40 55.00
C GLU A 437 -55.12 18.83 55.35
N CYS A 438 -54.36 17.89 55.90
CA CYS A 438 -53.00 18.16 56.36
C CYS A 438 -52.05 18.00 55.19
N LEU A 439 -51.84 19.09 54.45
CA LEU A 439 -50.96 19.06 53.28
C LEU A 439 -49.58 19.54 53.67
N CYS A 440 -48.58 18.67 53.50
CA CYS A 440 -47.19 19.01 53.77
C CYS A 440 -46.95 19.36 55.23
N GLY A 441 -47.70 18.75 56.16
CA GLY A 441 -47.55 19.01 57.56
C GLY A 441 -48.31 20.21 58.09
N GLN A 442 -48.56 21.21 57.26
CA GLN A 442 -49.31 22.39 57.65
C GLN A 442 -50.78 22.25 57.25
N CYS A 443 -51.66 22.89 58.00
CA CYS A 443 -53.10 22.76 57.81
C CYS A 443 -53.60 23.85 56.88
N VAL A 444 -53.97 23.46 55.65
CA VAL A 444 -54.51 24.37 54.65
C VAL A 444 -56.03 24.33 54.72
N CYS A 445 -56.66 25.49 54.54
CA CYS A 445 -58.08 25.66 54.80
C CYS A 445 -58.91 25.52 53.53
N HIS A 446 -60.06 24.87 53.68
CA HIS A 446 -60.93 24.53 52.56
C HIS A 446 -61.73 25.76 52.16
N SER A 447 -61.45 26.28 50.96
CA SER A 447 -62.21 27.41 50.44
C SER A 447 -63.51 26.92 49.82
N SER A 448 -64.61 27.61 50.15
CA SER A 448 -65.92 27.28 49.61
C SER A 448 -66.57 28.54 49.06
N ASP A 449 -67.59 28.33 48.23
CA ASP A 449 -68.26 29.44 47.53
C ASP A 449 -68.98 30.39 48.47
N PHE A 450 -69.16 30.02 49.75
CA PHE A 450 -69.87 30.87 50.70
C PHE A 450 -68.90 31.63 51.62
N GLY A 451 -68.13 30.90 52.42
CA GLY A 451 -67.19 31.52 53.34
C GLY A 451 -65.75 31.13 53.12
N LYS A 452 -64.83 31.92 53.64
CA LYS A 452 -63.39 31.68 53.49
C LYS A 452 -62.76 31.66 54.88
N ILE A 453 -62.01 30.60 55.15
CA ILE A 453 -61.56 30.27 56.50
C ILE A 453 -60.09 30.67 56.67
N THR A 454 -59.82 31.96 56.88
CA THR A 454 -58.47 32.49 56.91
C THR A 454 -57.91 32.37 58.33
N GLY A 455 -57.05 31.36 58.54
CA GLY A 455 -56.40 31.18 59.82
C GLY A 455 -55.74 29.82 59.97
N LYS A 456 -54.64 29.75 60.72
CA LYS A 456 -54.05 28.45 61.01
C LYS A 456 -55.04 27.57 61.77
N TYR A 457 -54.92 26.26 61.60
CA TYR A 457 -55.84 25.22 62.04
C TYR A 457 -57.21 25.36 61.42
N CYS A 458 -57.43 26.36 60.54
CA CYS A 458 -58.72 26.62 59.92
C CYS A 458 -59.82 26.81 60.97
N GLU A 459 -59.95 28.05 61.46
CA GLU A 459 -60.80 28.38 62.58
C GLU A 459 -61.80 29.49 62.28
N THR A 460 -61.38 30.56 61.62
CA THR A 460 -62.21 31.75 61.46
C THR A 460 -62.77 31.79 60.04
N ARG A 461 -64.01 31.34 59.89
CA ARG A 461 -64.71 31.50 58.61
C ARG A 461 -65.07 32.98 58.46
N GLU A 462 -64.31 33.68 57.61
CA GLU A 462 -64.37 35.13 57.56
C GLU A 462 -65.64 35.66 56.91
N LEU A 463 -66.27 34.87 56.03
CA LEU A 463 -67.49 35.27 55.32
C LEU A 463 -67.37 36.67 54.72
N GLY B 1 24.53 9.96 -60.79
CA GLY B 1 23.39 10.72 -61.26
C GLY B 1 22.24 10.75 -60.25
N PRO B 2 21.06 11.17 -60.70
CA PRO B 2 19.89 11.16 -59.82
C PRO B 2 19.54 9.74 -59.38
N ASN B 3 19.02 9.63 -58.16
CA ASN B 3 18.69 8.33 -57.55
C ASN B 3 17.22 8.27 -57.18
N ILE B 4 16.81 7.16 -56.54
CA ILE B 4 15.43 7.06 -56.05
C ILE B 4 15.17 8.18 -55.03
N CYS B 5 16.16 8.46 -54.18
CA CYS B 5 16.01 9.47 -53.14
C CYS B 5 15.75 10.88 -53.70
N THR B 6 16.20 11.17 -54.93
CA THR B 6 16.01 12.51 -55.49
C THR B 6 15.03 12.57 -56.66
N THR B 7 14.73 11.44 -57.30
CA THR B 7 13.76 11.47 -58.40
C THR B 7 12.35 11.59 -57.90
N ARG B 8 12.07 11.18 -56.66
CA ARG B 8 10.73 11.37 -56.12
C ARG B 8 10.39 12.85 -56.02
N GLY B 9 11.40 13.71 -56.04
CA GLY B 9 11.24 15.15 -56.01
C GLY B 9 10.33 15.59 -54.89
N VAL B 10 10.58 15.08 -53.68
CA VAL B 10 9.67 15.34 -52.57
C VAL B 10 9.62 16.83 -52.27
N SER B 11 8.52 17.25 -51.63
CA SER B 11 8.29 18.65 -51.33
C SER B 11 8.26 18.93 -49.82
N SER B 12 8.75 18.00 -49.01
CA SER B 12 8.76 18.19 -47.57
C SER B 12 9.84 17.31 -46.95
N CYS B 13 10.38 17.78 -45.82
CA CYS B 13 11.35 16.97 -45.09
C CYS B 13 10.71 15.70 -44.54
N GLN B 14 9.40 15.73 -44.30
CA GLN B 14 8.71 14.59 -43.72
C GLN B 14 8.51 13.46 -44.72
N GLN B 15 8.38 13.78 -46.00
CA GLN B 15 8.30 12.76 -47.04
C GLN B 15 9.67 12.35 -47.56
N CYS B 16 10.67 13.22 -47.43
CA CYS B 16 12.04 12.87 -47.79
C CYS B 16 12.49 11.60 -47.07
N LEU B 17 12.35 11.60 -45.75
CA LEU B 17 12.76 10.43 -44.96
C LEU B 17 11.87 9.21 -45.21
N ALA B 18 10.65 9.42 -45.69
CA ALA B 18 9.71 8.34 -45.96
C ALA B 18 9.85 7.77 -47.36
N VAL B 19 10.94 8.08 -48.07
CA VAL B 19 11.21 7.49 -49.37
C VAL B 19 12.03 6.23 -49.16
N SER B 20 13.18 6.37 -48.51
CA SER B 20 14.06 5.25 -48.21
C SER B 20 14.94 5.64 -47.04
N PRO B 21 15.35 4.69 -46.20
CA PRO B 21 16.19 5.04 -45.04
C PRO B 21 17.51 5.70 -45.39
N MET B 22 17.97 5.58 -46.65
CA MET B 22 19.19 6.25 -47.08
C MET B 22 18.94 7.69 -47.50
N CYS B 23 17.69 8.12 -47.60
CA CYS B 23 17.37 9.48 -47.98
C CYS B 23 17.78 10.46 -46.89
N ALA B 24 18.44 11.55 -47.29
CA ALA B 24 18.83 12.62 -46.38
C ALA B 24 18.27 13.94 -46.88
N TRP B 25 17.99 14.85 -45.95
CA TRP B 25 17.43 16.16 -46.25
C TRP B 25 18.34 17.24 -45.68
N CYS B 26 18.69 18.22 -46.50
CA CYS B 26 19.45 19.39 -46.08
C CYS B 26 18.56 20.63 -46.13
N SER B 27 18.88 21.60 -45.28
CA SER B 27 18.12 22.84 -45.19
C SER B 27 18.84 23.87 -44.32
N ASP B 28 19.57 24.80 -44.96
CA ASP B 28 20.22 25.89 -44.24
C ASP B 28 20.00 27.22 -44.94
N GLU B 29 19.23 27.27 -46.02
CA GLU B 29 18.87 28.49 -46.74
C GLU B 29 20.07 29.14 -47.42
N ALA B 30 21.23 28.50 -47.34
CA ALA B 30 22.39 28.84 -48.16
C ALA B 30 22.58 27.85 -49.30
N LEU B 31 21.57 27.03 -49.57
CA LEU B 31 21.64 26.09 -50.67
C LEU B 31 21.59 26.83 -52.00
N PRO B 32 22.37 26.41 -52.99
CA PRO B 32 22.28 27.03 -54.32
C PRO B 32 20.98 26.69 -55.03
N LEU B 33 19.87 27.20 -54.51
CA LEU B 33 18.49 27.03 -54.99
C LEU B 33 18.30 25.97 -56.06
N GLY B 34 19.01 26.08 -57.19
CA GLY B 34 18.92 25.09 -58.26
C GLY B 34 19.34 23.70 -57.85
N SER B 35 19.92 23.53 -56.64
CA SER B 35 20.28 22.23 -56.07
C SER B 35 19.07 21.61 -55.39
N PRO B 36 18.98 20.28 -55.37
CA PRO B 36 17.89 19.62 -54.64
C PRO B 36 18.18 19.53 -53.15
N ARG B 37 17.35 18.79 -52.41
CA ARG B 37 17.54 18.62 -50.99
C ARG B 37 17.52 17.16 -50.52
N CYS B 38 17.04 16.23 -51.34
CA CYS B 38 16.89 14.84 -50.94
C CYS B 38 17.85 13.98 -51.75
N ASP B 39 18.96 13.63 -51.13
CA ASP B 39 19.93 12.70 -51.68
C ASP B 39 20.54 11.94 -50.50
N LEU B 40 21.65 11.25 -50.75
CA LEU B 40 22.43 10.74 -49.64
C LEU B 40 23.15 11.89 -48.96
N LYS B 41 23.46 11.71 -47.67
CA LYS B 41 24.09 12.79 -46.91
C LYS B 41 25.45 13.16 -47.48
N GLU B 42 26.12 12.20 -48.14
CA GLU B 42 27.38 12.51 -48.80
C GLU B 42 27.18 13.46 -49.98
N ASN B 43 26.04 13.37 -50.67
CA ASN B 43 25.74 14.34 -51.71
C ASN B 43 25.45 15.71 -51.11
N LEU B 44 24.72 15.74 -49.99
CA LEU B 44 24.40 16.99 -49.32
C LEU B 44 25.60 17.60 -48.61
N LEU B 45 26.72 16.88 -48.53
CA LEU B 45 27.98 17.43 -48.04
C LEU B 45 28.93 17.81 -49.16
N LYS B 46 28.95 17.02 -50.24
CA LYS B 46 29.65 17.43 -51.46
C LYS B 46 29.08 18.74 -51.97
N ASP B 47 27.76 18.86 -52.02
CA ASP B 47 27.09 20.13 -52.24
C ASP B 47 27.08 20.86 -50.90
N ASN B 48 27.98 21.83 -50.74
CA ASN B 48 28.29 22.43 -49.45
C ASN B 48 27.06 22.92 -48.69
N CYS B 49 26.35 22.00 -48.06
CA CYS B 49 25.31 22.31 -47.09
C CYS B 49 25.90 22.23 -45.69
N ALA B 50 25.42 23.09 -44.80
CA ALA B 50 25.94 23.16 -43.45
C ALA B 50 25.76 21.82 -42.75
N PRO B 51 26.84 21.16 -42.30
CA PRO B 51 26.69 19.85 -41.66
C PRO B 51 25.84 19.87 -40.41
N GLU B 52 25.67 21.04 -39.77
CA GLU B 52 24.85 21.14 -38.57
C GLU B 52 23.36 21.10 -38.85
N SER B 53 22.94 21.38 -40.08
CA SER B 53 21.53 21.45 -40.43
C SER B 53 21.05 20.28 -41.27
N ILE B 54 21.94 19.38 -41.68
CA ILE B 54 21.53 18.20 -42.44
C ILE B 54 20.77 17.28 -41.49
N GLU B 55 19.46 17.17 -41.69
CA GLU B 55 18.61 16.34 -40.82
C GLU B 55 18.56 14.94 -41.40
N PHE B 56 19.59 14.16 -41.11
CA PHE B 56 19.71 12.79 -41.59
C PHE B 56 19.67 11.83 -40.42
N PRO B 57 18.56 11.11 -40.20
CA PRO B 57 18.50 10.15 -39.11
C PRO B 57 19.17 8.83 -39.48
N VAL B 58 19.57 8.10 -38.43
CA VAL B 58 20.15 6.77 -38.58
C VAL B 58 19.53 5.87 -37.51
N SER B 59 19.13 4.68 -37.91
CA SER B 59 18.61 3.70 -36.95
C SER B 59 19.74 3.18 -36.06
N GLU B 60 19.37 2.76 -34.86
CA GLU B 60 20.33 2.24 -33.90
C GLU B 60 19.64 1.28 -32.95
N ALA B 61 20.44 0.59 -32.14
CA ALA B 61 19.93 -0.35 -31.13
C ALA B 61 20.98 -0.41 -30.01
N ARG B 62 20.75 0.40 -28.97
CA ARG B 62 21.68 0.53 -27.86
C ARG B 62 21.22 -0.35 -26.71
N VAL B 63 22.11 -1.23 -26.24
CA VAL B 63 21.80 -2.11 -25.14
C VAL B 63 21.82 -1.33 -23.83
N LEU B 64 20.74 -1.44 -23.06
CA LEU B 64 20.64 -0.74 -21.79
C LEU B 64 21.00 -1.65 -20.63
N GLU B 65 20.05 -2.47 -20.19
CA GLU B 65 20.28 -3.41 -19.10
C GLU B 65 20.99 -4.65 -19.64
N ASP B 66 22.22 -4.88 -19.16
CA ASP B 66 23.08 -5.92 -19.69
C ASP B 66 23.64 -6.77 -18.55
N ARG B 67 22.74 -7.38 -17.78
CA ARG B 67 23.17 -8.27 -16.71
C ARG B 67 23.86 -9.50 -17.29
N PRO B 68 25.04 -9.88 -16.78
CA PRO B 68 25.64 -11.14 -17.22
C PRO B 68 24.77 -12.32 -16.85
N LEU B 69 24.90 -13.39 -17.63
CA LEU B 69 24.09 -14.58 -17.42
C LEU B 69 24.64 -15.38 -16.24
N SER B 70 23.74 -15.82 -15.36
CA SER B 70 24.16 -16.50 -14.15
C SER B 70 24.87 -17.81 -14.47
N ASP B 71 25.94 -18.10 -13.73
CA ASP B 71 26.69 -19.34 -13.87
C ASP B 71 26.02 -20.46 -13.10
N LYS B 72 26.41 -20.62 -11.83
CA LYS B 72 25.85 -21.64 -10.95
C LYS B 72 25.64 -21.11 -9.54
N GLY B 73 25.31 -19.82 -9.41
CA GLY B 73 25.37 -19.12 -8.14
C GLY B 73 24.43 -19.53 -7.02
N SER B 74 23.97 -20.79 -7.06
CA SER B 74 23.26 -21.43 -5.95
C SER B 74 22.19 -20.56 -5.28
N GLY B 75 22.62 -19.60 -4.46
CA GLY B 75 21.71 -18.94 -3.53
C GLY B 75 21.00 -17.69 -4.02
N ASP B 76 20.85 -17.53 -5.32
CA ASP B 76 20.05 -16.44 -5.91
C ASP B 76 20.55 -15.07 -5.43
N SER B 77 21.86 -14.90 -5.45
CA SER B 77 22.46 -13.60 -5.14
C SER B 77 22.11 -12.61 -6.25
N SER B 78 21.35 -11.58 -5.89
CA SER B 78 20.74 -10.63 -6.84
C SER B 78 19.82 -11.33 -7.84
N GLN B 79 19.35 -12.54 -7.50
CA GLN B 79 18.50 -13.37 -8.35
C GLN B 79 19.23 -13.82 -9.62
N VAL B 80 19.00 -15.07 -10.02
CA VAL B 80 19.71 -15.63 -11.15
C VAL B 80 19.18 -15.03 -12.45
N THR B 81 20.09 -14.57 -13.30
CA THR B 81 19.75 -13.99 -14.59
C THR B 81 19.98 -15.02 -15.68
N GLN B 82 18.98 -15.23 -16.54
CA GLN B 82 19.07 -16.23 -17.58
C GLN B 82 18.78 -15.71 -18.98
N VAL B 83 18.45 -14.43 -19.13
CA VAL B 83 18.22 -13.82 -20.45
C VAL B 83 19.00 -12.52 -20.48
N SER B 84 19.97 -12.42 -21.39
CA SER B 84 20.82 -11.25 -21.51
C SER B 84 21.00 -10.90 -22.98
N PRO B 85 20.90 -9.61 -23.34
CA PRO B 85 20.62 -8.48 -22.45
C PRO B 85 19.15 -8.41 -22.02
N GLN B 86 18.81 -7.43 -21.18
CA GLN B 86 17.46 -7.31 -20.64
C GLN B 86 16.66 -6.20 -21.30
N ARG B 87 17.25 -5.01 -21.46
CA ARG B 87 16.55 -3.87 -22.04
C ARG B 87 17.38 -3.29 -23.17
N ILE B 88 16.73 -3.01 -24.30
CA ILE B 88 17.37 -2.44 -25.47
C ILE B 88 16.50 -1.30 -25.98
N ALA B 89 17.13 -0.17 -26.28
CA ALA B 89 16.44 1.02 -26.80
C ALA B 89 16.51 0.99 -28.32
N LEU B 90 15.38 0.68 -28.97
CA LEU B 90 15.32 0.63 -30.42
C LEU B 90 15.01 2.02 -30.99
N ARG B 91 15.47 2.24 -32.22
CA ARG B 91 15.36 3.55 -32.86
C ARG B 91 15.28 3.30 -34.36
N LEU B 92 14.11 3.53 -34.97
CA LEU B 92 13.87 3.17 -36.35
C LEU B 92 13.52 4.38 -37.19
N ARG B 93 13.94 4.34 -38.45
CA ARG B 93 13.52 5.30 -39.47
C ARG B 93 12.29 4.75 -40.18
N PRO B 94 11.60 5.58 -40.96
CA PRO B 94 10.46 5.07 -41.73
C PRO B 94 10.87 3.95 -42.66
N ASP B 95 10.23 2.78 -42.48
CA ASP B 95 10.44 1.59 -43.29
C ASP B 95 11.87 1.06 -43.20
N ASP B 96 12.57 1.35 -42.11
CA ASP B 96 13.93 0.87 -41.91
C ASP B 96 13.89 -0.43 -41.09
N SER B 97 15.06 -0.93 -40.72
CA SER B 97 15.15 -2.14 -39.91
C SER B 97 16.51 -2.18 -39.23
N LYS B 98 16.59 -2.93 -38.14
CA LYS B 98 17.80 -3.06 -37.35
C LYS B 98 17.80 -4.43 -36.68
N ASN B 99 18.96 -5.08 -36.69
CA ASN B 99 19.09 -6.43 -36.15
C ASN B 99 19.80 -6.39 -34.80
N PHE B 100 19.29 -7.19 -33.86
CA PHE B 100 19.88 -7.31 -32.53
C PHE B 100 19.79 -8.77 -32.09
N SER B 101 20.57 -9.10 -31.07
CA SER B 101 20.70 -10.48 -30.61
C SER B 101 20.30 -10.62 -29.14
N ILE B 102 20.03 -11.85 -28.74
CA ILE B 102 19.62 -12.17 -27.38
C ILE B 102 20.23 -13.52 -27.00
N GLN B 103 20.60 -13.67 -25.73
CA GLN B 103 21.18 -14.90 -25.22
C GLN B 103 20.27 -15.52 -24.18
N VAL B 104 20.17 -16.86 -24.22
CA VAL B 104 19.38 -17.62 -23.26
C VAL B 104 20.24 -18.73 -22.69
N ARG B 105 19.94 -19.12 -21.45
CA ARG B 105 20.59 -20.26 -20.81
C ARG B 105 19.79 -20.76 -19.61
N GLN B 106 19.50 -22.06 -19.57
CA GLN B 106 18.68 -22.64 -18.50
C GLN B 106 19.61 -23.12 -17.39
N VAL B 107 19.72 -22.33 -16.33
CA VAL B 107 20.55 -22.66 -15.18
C VAL B 107 19.73 -23.25 -14.04
N GLU B 108 18.56 -22.69 -13.77
CA GLU B 108 17.70 -23.23 -12.73
C GLU B 108 17.03 -24.51 -13.21
N ASP B 109 16.54 -25.30 -12.25
CA ASP B 109 15.84 -26.53 -12.60
C ASP B 109 14.57 -26.25 -13.39
N GLY B 110 13.91 -25.13 -13.12
CA GLY B 110 12.70 -24.77 -13.83
C GLY B 110 11.47 -24.75 -12.94
N ASN B 111 10.74 -23.63 -12.95
CA ASN B 111 9.55 -23.47 -12.15
C ASN B 111 8.34 -23.98 -12.93
N VAL B 112 7.68 -25.01 -12.41
CA VAL B 112 6.54 -25.62 -13.07
C VAL B 112 5.39 -25.72 -12.06
N ASP B 113 4.18 -25.44 -12.53
CA ASP B 113 2.95 -25.58 -11.74
C ASP B 113 2.00 -26.47 -12.55
N LEU B 114 2.17 -27.78 -12.42
CA LEU B 114 1.49 -28.75 -13.24
C LEU B 114 0.14 -29.13 -12.64
N VAL B 115 -0.79 -29.54 -13.52
CA VAL B 115 -2.14 -29.91 -13.13
C VAL B 115 -2.42 -31.34 -13.59
N PHE B 116 -3.08 -32.12 -12.73
CA PHE B 116 -3.44 -33.51 -13.01
C PHE B 116 -4.95 -33.59 -13.22
N LEU B 117 -5.38 -33.45 -14.46
CA LEU B 117 -6.78 -33.64 -14.82
C LEU B 117 -6.98 -35.10 -15.21
N PHE B 118 -7.71 -35.84 -14.38
CA PHE B 118 -7.88 -37.28 -14.59
C PHE B 118 -9.35 -37.64 -14.65
N ASP B 119 -9.67 -38.61 -15.51
CA ASP B 119 -11.05 -39.04 -15.71
C ASP B 119 -11.62 -39.64 -14.44
N GLY B 120 -12.92 -39.49 -14.27
CA GLY B 120 -13.64 -40.07 -13.14
C GLY B 120 -14.97 -40.65 -13.56
N SER B 121 -15.06 -41.08 -14.81
CA SER B 121 -16.30 -41.62 -15.36
C SER B 121 -16.52 -43.05 -14.86
N MET B 122 -17.69 -43.58 -15.22
CA MET B 122 -18.01 -44.97 -14.90
C MET B 122 -17.09 -45.95 -15.60
N SER B 123 -16.49 -45.55 -16.71
CA SER B 123 -15.66 -46.41 -17.56
C SER B 123 -14.35 -46.86 -16.88
N LEU B 124 -14.24 -46.79 -15.56
CA LEU B 124 -13.02 -47.19 -14.87
C LEU B 124 -13.32 -48.26 -13.83
N GLN B 125 -12.59 -49.38 -13.91
CA GLN B 125 -12.68 -50.39 -12.88
C GLN B 125 -11.98 -49.90 -11.62
N PRO B 126 -12.26 -50.51 -10.46
CA PRO B 126 -11.52 -50.13 -9.24
C PRO B 126 -10.02 -50.36 -9.37
N ASP B 127 -9.59 -51.31 -10.18
CA ASP B 127 -8.17 -51.56 -10.36
C ASP B 127 -7.50 -50.43 -11.11
N GLU B 128 -8.08 -50.00 -12.24
CA GLU B 128 -7.42 -49.03 -13.09
C GLU B 128 -7.58 -47.60 -12.59
N PHE B 129 -8.69 -47.28 -11.91
CA PHE B 129 -8.78 -45.98 -11.25
C PHE B 129 -7.75 -45.86 -10.14
N GLN B 130 -7.41 -46.98 -9.49
CA GLN B 130 -6.33 -46.98 -8.51
C GLN B 130 -4.99 -46.73 -9.17
N LYS B 131 -4.78 -47.29 -10.36
CA LYS B 131 -3.51 -47.08 -11.06
C LYS B 131 -3.35 -45.63 -11.50
N ILE B 132 -4.45 -44.93 -11.74
CA ILE B 132 -4.35 -43.50 -12.04
C ILE B 132 -3.85 -42.73 -10.84
N LEU B 133 -4.34 -43.08 -9.65
CA LEU B 133 -3.90 -42.41 -8.43
C LEU B 133 -2.45 -42.77 -8.10
N ASP B 134 -2.10 -44.05 -8.17
CA ASP B 134 -0.71 -44.46 -7.96
C ASP B 134 0.20 -43.83 -9.00
N PHE B 135 -0.31 -43.59 -10.21
CA PHE B 135 0.47 -42.88 -11.22
C PHE B 135 0.80 -41.48 -10.76
N MET B 136 -0.21 -40.74 -10.26
CA MET B 136 0.01 -39.38 -9.80
C MET B 136 0.90 -39.34 -8.56
N LYS B 137 0.79 -40.33 -7.67
CA LYS B 137 1.66 -40.38 -6.51
C LYS B 137 3.10 -40.61 -6.93
N ASP B 138 3.32 -41.57 -7.83
CA ASP B 138 4.68 -41.89 -8.25
C ASP B 138 5.30 -40.75 -9.05
N VAL B 139 4.47 -39.98 -9.77
CA VAL B 139 4.99 -38.81 -10.47
C VAL B 139 5.46 -37.75 -9.48
N MET B 140 4.64 -37.48 -8.46
CA MET B 140 4.96 -36.43 -7.50
C MET B 140 6.01 -36.87 -6.48
N LYS B 141 6.11 -38.18 -6.21
CA LYS B 141 7.05 -38.66 -5.21
C LYS B 141 8.49 -38.53 -5.68
N LYS B 142 8.76 -38.97 -6.91
CA LYS B 142 10.11 -38.84 -7.46
C LYS B 142 10.43 -37.41 -7.86
N LEU B 143 9.44 -36.52 -7.92
CA LEU B 143 9.65 -35.13 -8.30
C LEU B 143 9.63 -34.19 -7.11
N SER B 144 9.74 -34.70 -5.90
CA SER B 144 9.94 -33.82 -4.75
C SER B 144 11.37 -33.29 -4.77
N ASN B 145 11.64 -32.34 -3.87
CA ASN B 145 12.86 -31.54 -3.78
C ASN B 145 12.96 -30.56 -4.94
N THR B 146 12.45 -30.94 -6.10
CA THR B 146 12.44 -30.06 -7.27
C THR B 146 11.46 -28.92 -7.07
N SER B 147 11.55 -27.94 -7.98
CA SER B 147 10.63 -26.81 -7.98
C SER B 147 9.31 -27.13 -8.67
N TYR B 148 9.08 -28.38 -9.04
CA TYR B 148 7.78 -28.79 -9.54
C TYR B 148 6.72 -28.62 -8.46
N GLN B 149 5.53 -28.19 -8.88
CA GLN B 149 4.39 -28.07 -7.98
C GLN B 149 3.15 -28.61 -8.67
N PHE B 150 2.33 -29.35 -7.92
CA PHE B 150 1.27 -30.16 -8.49
C PHE B 150 -0.09 -29.76 -7.93
N ALA B 151 -1.13 -30.07 -8.70
CA ALA B 151 -2.50 -29.73 -8.33
C ALA B 151 -3.45 -30.58 -9.18
N ALA B 152 -4.13 -31.53 -8.56
CA ALA B 152 -4.97 -32.48 -9.28
C ALA B 152 -6.43 -32.02 -9.31
N VAL B 153 -7.14 -32.46 -10.35
CA VAL B 153 -8.56 -32.16 -10.53
C VAL B 153 -9.23 -33.40 -11.11
N GLN B 154 -10.19 -33.96 -10.37
CA GLN B 154 -11.00 -35.04 -10.90
C GLN B 154 -12.15 -34.44 -11.71
N PHE B 155 -12.33 -34.93 -12.93
CA PHE B 155 -13.39 -34.44 -13.79
C PHE B 155 -14.23 -35.61 -14.30
N SER B 156 -15.54 -35.46 -14.21
CA SER B 156 -16.49 -36.40 -14.80
C SER B 156 -17.64 -35.59 -15.38
N THR B 157 -18.85 -35.79 -14.85
CA THR B 157 -19.90 -34.82 -15.08
C THR B 157 -19.65 -33.56 -14.27
N SER B 158 -19.15 -33.72 -13.05
CA SER B 158 -18.84 -32.63 -12.15
C SER B 158 -17.33 -32.36 -12.15
N TYR B 159 -16.92 -31.42 -11.31
CA TYR B 159 -15.53 -30.97 -11.25
C TYR B 159 -15.16 -30.76 -9.79
N LYS B 160 -14.01 -31.30 -9.38
CA LYS B 160 -13.62 -31.26 -7.98
C LYS B 160 -12.11 -31.14 -7.88
N THR B 161 -11.64 -30.04 -7.29
CA THR B 161 -10.21 -29.83 -7.04
C THR B 161 -9.83 -30.63 -5.81
N GLU B 162 -9.18 -31.77 -6.00
CA GLU B 162 -8.77 -32.60 -4.87
C GLU B 162 -7.73 -31.88 -4.03
N PHE B 163 -6.82 -31.14 -4.67
CA PHE B 163 -5.87 -30.28 -3.98
C PHE B 163 -5.29 -29.32 -5.00
N ASP B 164 -4.76 -28.19 -4.49
CA ASP B 164 -4.12 -27.20 -5.33
C ASP B 164 -2.76 -26.83 -4.74
N PHE B 165 -2.08 -25.87 -5.38
CA PHE B 165 -0.66 -25.65 -5.13
C PHE B 165 -0.38 -25.24 -3.69
N SER B 166 -1.35 -24.65 -3.00
CA SER B 166 -1.14 -24.30 -1.60
C SER B 166 -0.98 -25.54 -0.73
N ASP B 167 -1.68 -26.62 -1.07
CA ASP B 167 -1.66 -27.83 -0.25
C ASP B 167 -0.39 -28.65 -0.48
N TYR B 168 0.15 -28.64 -1.70
CA TYR B 168 1.35 -29.44 -1.98
C TYR B 168 2.57 -28.81 -1.32
N VAL B 169 2.74 -27.50 -1.44
CA VAL B 169 3.87 -26.82 -0.81
C VAL B 169 3.79 -26.94 0.71
N LYS B 170 2.58 -26.99 1.26
CA LYS B 170 2.43 -27.00 2.72
C LYS B 170 2.83 -28.35 3.31
N TRP B 171 2.49 -29.45 2.64
CA TRP B 171 2.67 -30.77 3.22
C TRP B 171 3.71 -31.62 2.51
N LYS B 172 3.66 -31.73 1.19
CA LYS B 172 4.55 -32.59 0.41
C LYS B 172 4.43 -34.04 0.85
N ASP B 173 3.25 -34.61 0.56
CA ASP B 173 2.95 -36.00 0.89
C ASP B 173 1.92 -36.51 -0.11
N PRO B 174 2.34 -37.27 -1.12
CA PRO B 174 1.38 -37.74 -2.13
C PRO B 174 0.31 -38.66 -1.57
N ASP B 175 0.63 -39.44 -0.54
CA ASP B 175 -0.35 -40.36 0.04
C ASP B 175 -1.42 -39.59 0.82
N ALA B 176 -1.03 -38.52 1.50
CA ALA B 176 -1.97 -37.76 2.33
C ALA B 176 -2.81 -36.79 1.50
N LEU B 177 -2.26 -36.27 0.41
CA LEU B 177 -3.00 -35.32 -0.42
C LEU B 177 -4.10 -36.00 -1.22
N LEU B 178 -3.90 -37.26 -1.60
CA LEU B 178 -4.83 -37.97 -2.47
C LEU B 178 -5.68 -38.99 -1.73
N LYS B 179 -5.64 -39.01 -0.40
CA LYS B 179 -6.47 -39.93 0.37
C LYS B 179 -7.90 -39.42 0.54
N HIS B 180 -8.26 -38.31 -0.10
CA HIS B 180 -9.62 -37.78 -0.07
C HIS B 180 -10.27 -37.83 -1.45
N VAL B 181 -9.85 -38.76 -2.29
CA VAL B 181 -10.35 -38.88 -3.66
C VAL B 181 -11.40 -39.99 -3.66
N LYS B 182 -12.65 -39.60 -3.91
CA LYS B 182 -13.75 -40.54 -4.08
C LYS B 182 -14.11 -40.63 -5.55
N HIS B 183 -14.09 -41.84 -6.10
CA HIS B 183 -14.38 -42.05 -7.50
C HIS B 183 -15.80 -41.60 -7.83
N MET B 184 -15.93 -40.70 -8.81
CA MET B 184 -17.23 -40.14 -9.14
C MET B 184 -18.12 -41.16 -9.83
N LEU B 185 -17.59 -41.86 -10.83
CA LEU B 185 -18.32 -42.85 -11.62
C LEU B 185 -19.53 -42.21 -12.31
N LEU B 186 -19.21 -41.35 -13.28
CA LEU B 186 -20.24 -40.66 -14.06
C LEU B 186 -19.83 -40.54 -15.53
N LEU B 187 -19.99 -39.35 -16.11
CA LEU B 187 -19.69 -39.15 -17.52
C LEU B 187 -18.26 -38.64 -17.69
N THR B 188 -17.92 -38.20 -18.89
CA THR B 188 -16.59 -37.66 -19.21
C THR B 188 -16.80 -36.34 -19.94
N ASN B 189 -16.94 -35.25 -19.19
CA ASN B 189 -17.11 -33.91 -19.75
C ASN B 189 -15.73 -33.24 -19.78
N THR B 190 -15.01 -33.43 -20.89
CA THR B 190 -13.63 -32.95 -20.97
C THR B 190 -13.57 -31.46 -21.26
N PHE B 191 -14.50 -30.94 -22.07
CA PHE B 191 -14.43 -29.55 -22.49
C PHE B 191 -14.56 -28.59 -21.31
N GLY B 192 -15.61 -28.77 -20.50
CA GLY B 192 -15.79 -27.88 -19.36
C GLY B 192 -14.70 -28.02 -18.31
N ALA B 193 -14.04 -29.18 -18.28
CA ALA B 193 -12.96 -29.39 -17.31
C ALA B 193 -11.75 -28.54 -17.64
N ILE B 194 -11.38 -28.45 -18.92
CA ILE B 194 -10.22 -27.66 -19.30
C ILE B 194 -10.47 -26.18 -19.04
N ASN B 195 -11.72 -25.72 -19.20
CA ASN B 195 -12.05 -24.37 -18.76
C ASN B 195 -11.99 -24.27 -17.25
N TYR B 196 -12.45 -25.31 -16.53
CA TYR B 196 -12.35 -25.33 -15.09
C TYR B 196 -10.89 -25.34 -14.63
N VAL B 197 -10.03 -26.05 -15.36
CA VAL B 197 -8.62 -26.09 -15.00
C VAL B 197 -7.96 -24.74 -15.29
N ALA B 198 -8.29 -24.14 -16.43
CA ALA B 198 -7.65 -22.87 -16.80
C ALA B 198 -8.11 -21.73 -15.89
N THR B 199 -9.39 -21.70 -15.54
CA THR B 199 -9.94 -20.56 -14.81
C THR B 199 -9.80 -20.74 -13.29
N GLU B 200 -10.18 -21.90 -12.78
CA GLU B 200 -10.36 -22.09 -11.34
C GLU B 200 -9.14 -22.65 -10.64
N VAL B 201 -8.16 -23.18 -11.37
CA VAL B 201 -7.00 -23.83 -10.78
C VAL B 201 -5.75 -22.96 -10.90
N PHE B 202 -5.51 -22.38 -12.09
CA PHE B 202 -4.35 -21.52 -12.30
C PHE B 202 -4.63 -20.13 -11.73
N ARG B 203 -4.62 -20.06 -10.41
CA ARG B 203 -4.87 -18.82 -9.68
C ARG B 203 -3.79 -18.62 -8.63
N GLU B 204 -3.44 -17.34 -8.39
CA GLU B 204 -2.36 -17.02 -7.47
C GLU B 204 -2.69 -17.44 -6.04
N GLU B 205 -3.89 -17.08 -5.57
CA GLU B 205 -4.26 -17.35 -4.18
C GLU B 205 -4.20 -18.82 -3.84
N LEU B 206 -4.32 -19.70 -4.83
CA LEU B 206 -4.24 -21.14 -4.62
C LEU B 206 -2.81 -21.67 -4.74
N GLY B 207 -1.82 -20.79 -4.84
CA GLY B 207 -0.42 -21.18 -4.83
C GLY B 207 0.26 -21.17 -6.18
N ALA B 208 -0.48 -20.96 -7.27
CA ALA B 208 0.12 -20.98 -8.60
C ALA B 208 1.02 -19.77 -8.79
N ARG B 209 2.26 -20.03 -9.19
CA ARG B 209 3.19 -18.94 -9.45
C ARG B 209 2.80 -18.21 -10.74
N PRO B 210 2.84 -16.88 -10.75
CA PRO B 210 2.47 -16.14 -11.97
C PRO B 210 3.43 -16.34 -13.12
N ASP B 211 4.69 -16.70 -12.86
CA ASP B 211 5.66 -16.94 -13.92
C ASP B 211 6.34 -18.30 -13.70
N ALA B 212 5.53 -19.35 -13.75
CA ALA B 212 5.99 -20.72 -13.93
C ALA B 212 5.49 -21.21 -15.29
N THR B 213 5.53 -22.52 -15.51
CA THR B 213 5.06 -23.11 -16.74
C THR B 213 3.74 -23.83 -16.48
N LYS B 214 2.73 -23.52 -17.31
CA LYS B 214 1.40 -24.11 -17.18
C LYS B 214 1.38 -25.44 -17.93
N VAL B 215 1.38 -26.54 -17.18
CA VAL B 215 1.29 -27.88 -17.74
C VAL B 215 -0.01 -28.51 -17.22
N LEU B 216 -0.65 -29.30 -18.09
CA LEU B 216 -1.93 -29.93 -17.77
C LEU B 216 -1.90 -31.37 -18.27
N ILE B 217 -1.62 -32.30 -17.36
CA ILE B 217 -1.56 -33.73 -17.71
C ILE B 217 -3.00 -34.26 -17.67
N ILE B 218 -3.62 -34.37 -18.85
CA ILE B 218 -4.98 -34.84 -18.96
C ILE B 218 -4.96 -36.36 -19.06
N ILE B 219 -5.73 -37.02 -18.20
CA ILE B 219 -5.90 -38.47 -18.23
C ILE B 219 -7.36 -38.77 -18.51
N THR B 220 -7.62 -39.65 -19.47
CA THR B 220 -8.98 -39.99 -19.84
C THR B 220 -9.02 -41.43 -20.34
N ASP B 221 -10.25 -41.90 -20.59
CA ASP B 221 -10.43 -43.23 -21.16
C ASP B 221 -11.62 -43.29 -22.13
N GLY B 222 -12.16 -42.16 -22.55
CA GLY B 222 -13.25 -42.14 -23.50
C GLY B 222 -13.44 -40.74 -24.04
N GLU B 223 -14.10 -40.66 -25.20
CA GLU B 223 -14.32 -39.37 -25.84
C GLU B 223 -15.18 -38.48 -24.95
N ALA B 224 -15.01 -37.17 -25.12
CA ALA B 224 -15.72 -36.21 -24.28
C ALA B 224 -17.22 -36.31 -24.50
N THR B 225 -17.97 -36.26 -23.40
CA THR B 225 -19.43 -36.24 -23.47
C THR B 225 -19.98 -34.85 -23.70
N ASP B 226 -19.18 -33.81 -23.54
CA ASP B 226 -19.57 -32.44 -23.84
C ASP B 226 -18.81 -31.94 -25.07
N SER B 227 -19.23 -30.77 -25.55
CA SER B 227 -18.61 -30.14 -26.71
C SER B 227 -18.31 -28.68 -26.39
N GLY B 228 -17.65 -27.99 -27.31
CA GLY B 228 -17.37 -26.58 -27.13
C GLY B 228 -15.99 -26.15 -27.59
N ASN B 229 -15.33 -25.32 -26.78
CA ASN B 229 -14.03 -24.76 -27.13
C ASN B 229 -13.12 -24.83 -25.91
N ILE B 230 -11.85 -24.50 -26.14
CA ILE B 230 -10.88 -24.37 -25.05
C ILE B 230 -10.04 -23.11 -25.28
N ASP B 231 -10.71 -21.99 -25.54
CA ASP B 231 -10.00 -20.74 -25.73
C ASP B 231 -9.40 -20.22 -24.43
N ALA B 232 -10.05 -20.51 -23.30
CA ALA B 232 -9.54 -20.05 -22.02
C ALA B 232 -8.21 -20.71 -21.67
N ALA B 233 -7.96 -21.91 -22.18
CA ALA B 233 -6.72 -22.64 -21.93
C ALA B 233 -5.79 -22.58 -23.13
N LYS B 234 -5.60 -21.37 -23.68
CA LYS B 234 -4.72 -21.21 -24.83
C LYS B 234 -3.26 -21.10 -24.42
N ASP B 235 -2.99 -20.62 -23.21
CA ASP B 235 -1.63 -20.43 -22.72
C ASP B 235 -1.05 -21.66 -22.04
N ILE B 236 -1.78 -22.78 -22.05
CA ILE B 236 -1.39 -23.97 -21.30
C ILE B 236 -0.80 -24.99 -22.25
N ILE B 237 0.28 -25.65 -21.81
CA ILE B 237 0.89 -26.75 -22.54
C ILE B 237 0.17 -28.02 -22.15
N ARG B 238 -0.67 -28.54 -23.04
CA ARG B 238 -1.64 -29.58 -22.70
C ARG B 238 -1.18 -30.93 -23.25
N TYR B 239 -0.82 -31.84 -22.34
CA TYR B 239 -0.59 -33.24 -22.66
C TYR B 239 -1.82 -34.06 -22.27
N ILE B 240 -2.08 -35.11 -23.05
CA ILE B 240 -3.24 -35.97 -22.81
C ILE B 240 -2.81 -37.42 -22.97
N ILE B 241 -3.45 -38.30 -22.20
CA ILE B 241 -3.13 -39.73 -22.19
C ILE B 241 -4.44 -40.48 -22.37
N GLY B 242 -4.76 -40.86 -23.60
CA GLY B 242 -5.89 -41.74 -23.84
C GLY B 242 -5.52 -43.16 -23.48
N ILE B 243 -6.27 -43.78 -22.57
CA ILE B 243 -5.92 -45.08 -22.02
C ILE B 243 -7.13 -46.01 -22.11
N GLY B 244 -6.91 -47.20 -22.67
CA GLY B 244 -7.86 -48.29 -22.52
C GLY B 244 -8.49 -48.70 -23.85
N LYS B 245 -9.72 -49.21 -23.75
CA LYS B 245 -10.39 -49.86 -24.87
C LYS B 245 -10.88 -48.85 -25.90
N HIS B 246 -11.27 -47.66 -25.48
CA HIS B 246 -11.96 -46.70 -26.34
C HIS B 246 -11.00 -45.79 -27.10
N PHE B 247 -9.71 -46.13 -27.16
CA PHE B 247 -8.74 -45.35 -27.92
C PHE B 247 -7.83 -46.29 -28.71
N GLN B 248 -8.43 -47.27 -29.37
CA GLN B 248 -7.72 -48.18 -30.25
C GLN B 248 -7.84 -47.79 -31.71
N THR B 249 -9.00 -47.30 -32.13
CA THR B 249 -9.20 -46.86 -33.49
C THR B 249 -8.47 -45.53 -33.74
N LYS B 250 -8.31 -45.19 -35.02
CA LYS B 250 -7.64 -43.95 -35.37
C LYS B 250 -8.52 -42.73 -35.14
N GLU B 251 -9.80 -42.83 -35.49
CA GLU B 251 -10.70 -41.68 -35.35
C GLU B 251 -10.91 -41.31 -33.89
N SER B 252 -10.90 -42.29 -32.99
CA SER B 252 -11.01 -41.99 -31.57
C SER B 252 -9.77 -41.26 -31.07
N GLN B 253 -8.58 -41.73 -31.48
CA GLN B 253 -7.34 -41.08 -31.10
C GLN B 253 -7.20 -39.70 -31.72
N GLU B 254 -7.89 -39.44 -32.84
CA GLU B 254 -7.86 -38.12 -33.46
C GLU B 254 -8.84 -37.14 -32.82
N THR B 255 -9.79 -37.63 -32.02
CA THR B 255 -10.58 -36.72 -31.19
C THR B 255 -9.76 -36.15 -30.04
N LEU B 256 -8.64 -36.78 -29.70
CA LEU B 256 -7.73 -36.29 -28.68
C LEU B 256 -6.69 -35.32 -29.23
N HIS B 257 -6.95 -34.71 -30.38
CA HIS B 257 -6.07 -33.69 -30.94
C HIS B 257 -6.44 -32.29 -30.48
N LYS B 258 -7.75 -31.99 -30.40
CA LYS B 258 -8.17 -30.65 -30.02
C LYS B 258 -7.79 -30.34 -28.58
N PHE B 259 -7.96 -31.30 -27.67
CA PHE B 259 -7.65 -31.05 -26.27
C PHE B 259 -6.15 -30.87 -26.03
N ALA B 260 -5.32 -31.53 -26.83
CA ALA B 260 -3.89 -31.43 -26.65
C ALA B 260 -3.34 -30.21 -27.38
N SER B 261 -2.07 -29.90 -27.08
CA SER B 261 -1.39 -28.81 -27.75
C SER B 261 -0.89 -29.26 -29.13
N LYS B 262 -0.39 -28.30 -29.90
CA LYS B 262 0.05 -28.65 -31.23
C LYS B 262 1.57 -28.76 -31.29
N PRO B 263 2.12 -29.77 -31.98
CA PRO B 263 1.39 -30.78 -32.75
C PRO B 263 0.87 -31.94 -31.90
N ALA B 264 -0.23 -32.56 -32.36
CA ALA B 264 -0.84 -33.66 -31.61
C ALA B 264 0.01 -34.92 -31.60
N SER B 265 1.05 -35.01 -32.43
CA SER B 265 1.98 -36.12 -32.35
C SER B 265 2.89 -36.01 -31.13
N GLU B 266 3.06 -34.81 -30.59
CA GLU B 266 3.95 -34.57 -29.46
C GLU B 266 3.21 -34.56 -28.13
N PHE B 267 1.95 -34.13 -28.12
CA PHE B 267 1.21 -33.92 -26.88
C PHE B 267 0.10 -34.95 -26.67
N VAL B 268 0.18 -36.11 -27.31
CA VAL B 268 -0.78 -37.20 -27.11
C VAL B 268 0.00 -38.50 -27.00
N LYS B 269 -0.23 -39.24 -25.92
CA LYS B 269 0.42 -40.52 -25.68
C LYS B 269 -0.64 -41.55 -25.34
N ILE B 270 -0.86 -42.50 -26.23
CA ILE B 270 -1.86 -43.53 -26.04
C ILE B 270 -1.27 -44.67 -25.21
N LEU B 271 -2.11 -45.27 -24.37
CA LEU B 271 -1.73 -46.41 -23.54
C LEU B 271 -2.80 -47.49 -23.67
N ASP B 272 -2.43 -48.64 -24.23
CA ASP B 272 -3.38 -49.72 -24.38
C ASP B 272 -3.86 -50.22 -23.02
N THR B 273 -2.97 -50.23 -22.03
CA THR B 273 -3.30 -50.65 -20.68
C THR B 273 -2.58 -49.77 -19.68
N PHE B 274 -3.02 -49.85 -18.42
CA PHE B 274 -2.49 -49.01 -17.35
C PHE B 274 -1.15 -49.52 -16.82
N GLU B 275 -0.60 -50.59 -17.38
CA GLU B 275 0.72 -51.05 -16.95
C GLU B 275 1.80 -50.08 -17.41
N LYS B 276 1.64 -49.46 -18.57
CA LYS B 276 2.66 -48.56 -19.11
C LYS B 276 2.50 -47.17 -18.50
N LEU B 277 1.90 -47.11 -17.31
CA LEU B 277 1.72 -45.86 -16.57
C LEU B 277 2.90 -45.57 -15.67
N LYS B 278 3.32 -46.55 -14.88
CA LYS B 278 4.25 -46.31 -13.78
C LYS B 278 5.57 -45.70 -14.23
N ASP B 279 6.00 -45.97 -15.48
CA ASP B 279 7.28 -45.49 -16.00
C ASP B 279 7.15 -44.39 -17.05
N LEU B 280 5.95 -44.14 -17.57
CA LEU B 280 5.79 -43.45 -18.84
C LEU B 280 6.39 -42.04 -18.84
N PHE B 281 6.36 -41.32 -17.73
CA PHE B 281 6.83 -39.95 -17.73
C PHE B 281 8.16 -39.87 -16.98
N THR B 282 9.18 -40.49 -17.57
CA THR B 282 10.56 -40.14 -17.33
C THR B 282 11.19 -39.62 -18.62
N GLU B 283 11.24 -40.45 -19.66
CA GLU B 283 11.24 -39.93 -21.01
C GLU B 283 9.96 -39.11 -21.20
N LEU B 284 10.04 -38.08 -22.04
CA LEU B 284 9.04 -37.02 -22.19
C LEU B 284 8.97 -36.09 -20.97
N GLN B 285 9.06 -36.64 -19.75
CA GLN B 285 9.18 -35.79 -18.57
C GLN B 285 10.39 -34.86 -18.66
N LYS B 286 11.36 -35.18 -19.53
CA LYS B 286 12.45 -34.24 -19.77
C LYS B 286 12.15 -33.28 -20.92
N LYS B 287 11.32 -33.69 -21.87
CA LYS B 287 10.86 -32.81 -22.96
C LYS B 287 10.17 -31.56 -22.42
N ILE B 288 9.62 -31.65 -21.21
CA ILE B 288 9.02 -30.49 -20.54
C ILE B 288 10.06 -29.39 -20.37
N ARG B 289 11.15 -29.69 -19.67
CA ARG B 289 12.17 -28.69 -19.34
C ARG B 289 13.41 -28.81 -20.21
N SER B 290 13.24 -28.97 -21.53
CA SER B 290 14.39 -29.09 -22.43
C SER B 290 14.05 -28.49 -23.79
N LYS B 291 13.47 -27.28 -23.77
CA LYS B 291 13.20 -26.55 -25.00
C LYS B 291 12.97 -25.09 -24.67
N VAL B 292 13.73 -24.21 -25.32
CA VAL B 292 13.59 -22.77 -25.15
C VAL B 292 12.93 -22.22 -26.41
N GLU B 293 11.71 -21.74 -26.28
CA GLU B 293 10.94 -21.19 -27.39
C GLU B 293 10.54 -19.76 -27.05
N LEU B 294 10.87 -18.83 -27.94
CA LEU B 294 10.59 -17.42 -27.66
C LEU B 294 9.09 -17.14 -27.72
N GLU B 295 8.69 -16.08 -27.03
CA GLU B 295 7.28 -15.67 -26.94
C GLU B 295 7.23 -14.16 -27.03
N VAL B 296 6.56 -13.66 -28.07
CA VAL B 296 6.44 -12.23 -28.30
C VAL B 296 5.20 -11.72 -27.58
N ARG B 297 5.34 -10.53 -26.98
CA ARG B 297 4.24 -9.91 -26.24
C ARG B 297 4.19 -8.42 -26.56
N ASP B 298 2.97 -7.90 -26.68
CA ASP B 298 2.73 -6.47 -26.92
C ASP B 298 3.44 -5.99 -28.19
N LEU B 299 3.66 -6.88 -29.14
CA LEU B 299 4.36 -6.49 -30.36
C LEU B 299 3.49 -5.52 -31.15
N PRO B 300 4.03 -4.38 -31.58
CA PRO B 300 3.20 -3.42 -32.33
C PRO B 300 2.75 -3.99 -33.66
N GLU B 301 1.53 -3.65 -34.05
CA GLU B 301 1.02 -4.02 -35.37
C GLU B 301 1.91 -3.48 -36.48
N GLU B 302 2.56 -2.34 -36.24
CA GLU B 302 3.43 -1.73 -37.23
C GLU B 302 4.80 -2.38 -37.33
N LEU B 303 5.14 -3.28 -36.41
CA LEU B 303 6.41 -3.99 -36.43
C LEU B 303 6.20 -5.44 -36.81
N SER B 304 7.21 -6.02 -37.45
CA SER B 304 7.20 -7.43 -37.83
C SER B 304 8.60 -7.99 -37.63
N LEU B 305 8.69 -9.18 -37.04
CA LEU B 305 9.96 -9.77 -36.64
C LEU B 305 10.36 -10.91 -37.57
N SER B 306 11.62 -11.32 -37.41
CA SER B 306 12.22 -12.43 -38.15
C SER B 306 13.46 -12.87 -37.39
N PHE B 307 13.66 -14.18 -37.29
CA PHE B 307 14.61 -14.73 -36.32
C PHE B 307 15.64 -15.63 -36.98
N ASN B 308 16.82 -15.69 -36.34
CA ASN B 308 17.86 -16.65 -36.66
C ASN B 308 18.22 -17.37 -35.37
N ALA B 309 17.90 -18.65 -35.29
CA ALA B 309 18.19 -19.45 -34.10
C ALA B 309 19.57 -20.07 -34.23
N THR B 310 20.39 -19.89 -33.20
CA THR B 310 21.72 -20.51 -33.11
C THR B 310 21.62 -21.59 -32.03
N CYS B 311 21.26 -22.80 -32.45
CA CYS B 311 21.00 -23.87 -31.49
C CYS B 311 22.29 -24.57 -31.07
N LEU B 312 22.29 -25.91 -31.14
CA LEU B 312 23.29 -26.77 -30.52
C LEU B 312 24.73 -26.32 -30.77
N ASN B 313 25.31 -26.70 -31.90
CA ASN B 313 26.72 -26.43 -32.21
C ASN B 313 26.78 -25.46 -33.38
N ASN B 314 26.60 -24.16 -33.08
CA ASN B 314 26.67 -23.10 -34.07
C ASN B 314 25.68 -23.34 -35.22
N GLU B 315 24.60 -24.05 -34.92
CA GLU B 315 23.60 -24.44 -35.92
C GLU B 315 22.66 -23.27 -36.14
N VAL B 316 23.05 -22.39 -37.07
CA VAL B 316 22.28 -21.18 -37.37
C VAL B 316 21.11 -21.58 -38.26
N ILE B 317 19.95 -21.81 -37.66
CA ILE B 317 18.76 -22.21 -38.38
C ILE B 317 17.95 -20.96 -38.71
N PRO B 318 17.87 -20.56 -39.98
CA PRO B 318 17.15 -19.32 -40.31
C PRO B 318 15.65 -19.50 -40.20
N GLY B 319 15.00 -18.51 -39.60
CA GLY B 319 13.54 -18.55 -39.47
C GLY B 319 13.04 -19.52 -38.43
N LEU B 320 13.82 -19.75 -37.37
CA LEU B 320 13.42 -20.65 -36.30
C LEU B 320 13.38 -19.88 -34.99
N LYS B 321 12.34 -20.14 -34.20
CA LYS B 321 12.09 -19.41 -32.96
C LYS B 321 12.52 -20.19 -31.72
N SER B 322 12.99 -21.43 -31.87
CA SER B 322 13.20 -22.30 -30.73
C SER B 322 14.42 -23.19 -30.94
N CYS B 323 14.88 -23.77 -29.82
CA CYS B 323 15.88 -24.84 -29.82
C CYS B 323 15.47 -25.86 -28.77
N MET B 324 15.75 -27.12 -29.05
CA MET B 324 15.31 -28.21 -28.20
C MET B 324 16.45 -29.19 -27.95
N GLY B 325 16.25 -30.06 -26.96
CA GLY B 325 17.25 -31.06 -26.62
C GLY B 325 18.47 -30.46 -25.96
N LEU B 326 18.29 -29.82 -24.81
CA LEU B 326 19.36 -29.13 -24.11
C LEU B 326 19.37 -29.54 -22.64
N LYS B 327 20.51 -29.33 -21.99
CA LYS B 327 20.72 -29.69 -20.60
C LYS B 327 20.95 -28.43 -19.78
N ILE B 328 21.19 -28.64 -18.49
CA ILE B 328 21.50 -27.53 -17.58
C ILE B 328 22.85 -26.94 -17.95
N GLY B 329 22.91 -25.61 -18.09
CA GLY B 329 24.14 -24.93 -18.40
C GLY B 329 24.40 -24.74 -19.88
N ASP B 330 23.39 -24.90 -20.73
CA ASP B 330 23.55 -24.72 -22.17
C ASP B 330 23.18 -23.28 -22.54
N THR B 331 24.03 -22.66 -23.36
CA THR B 331 23.86 -21.26 -23.76
C THR B 331 23.51 -21.22 -25.25
N VAL B 332 22.31 -20.77 -25.56
CA VAL B 332 21.88 -20.58 -26.94
C VAL B 332 21.74 -19.08 -27.20
N SER B 333 21.56 -18.74 -28.47
CA SER B 333 21.46 -17.35 -28.88
C SER B 333 20.50 -17.22 -30.06
N PHE B 334 19.95 -16.03 -30.22
CA PHE B 334 19.05 -15.72 -31.32
C PHE B 334 19.44 -14.39 -31.94
N SER B 335 19.06 -14.20 -33.19
CA SER B 335 19.25 -12.94 -33.91
C SER B 335 17.90 -12.45 -34.41
N ILE B 336 17.55 -11.22 -34.05
CA ILE B 336 16.22 -10.67 -34.29
C ILE B 336 16.37 -9.45 -35.19
N GLU B 337 15.55 -9.40 -36.25
CA GLU B 337 15.48 -8.26 -37.14
C GLU B 337 14.06 -7.71 -37.11
N ALA B 338 13.93 -6.44 -36.78
CA ALA B 338 12.63 -5.77 -36.66
C ALA B 338 12.45 -4.80 -37.82
N LYS B 339 11.48 -5.06 -38.67
CA LYS B 339 11.15 -4.19 -39.79
C LYS B 339 9.86 -3.43 -39.47
N VAL B 340 9.84 -2.15 -39.85
CA VAL B 340 8.73 -1.26 -39.54
C VAL B 340 7.98 -0.91 -40.83
N ARG B 341 6.66 -0.83 -40.73
CA ARG B 341 5.80 -0.44 -41.84
C ARG B 341 5.50 1.04 -41.72
N GLY B 342 6.14 1.86 -42.55
CA GLY B 342 5.92 3.29 -42.55
C GLY B 342 6.30 3.94 -41.23
N CYS B 343 5.31 4.48 -40.52
CA CYS B 343 5.56 5.15 -39.25
C CYS B 343 4.28 5.31 -38.44
N PRO B 344 4.15 4.62 -37.31
CA PRO B 344 3.07 4.93 -36.38
C PRO B 344 3.33 6.23 -35.63
N GLN B 345 2.24 6.86 -35.20
CA GLN B 345 2.35 8.16 -34.54
C GLN B 345 2.73 8.06 -33.07
N GLU B 346 2.57 6.89 -32.46
CA GLU B 346 2.98 6.71 -31.07
C GLU B 346 4.49 6.93 -30.95
N LYS B 347 4.87 7.95 -30.17
CA LYS B 347 6.28 8.34 -30.07
C LYS B 347 7.15 7.18 -29.60
N GLU B 348 6.78 6.56 -28.49
CA GLU B 348 7.56 5.49 -27.89
C GLU B 348 6.63 4.30 -27.62
N LYS B 349 7.11 3.11 -27.93
CA LYS B 349 6.38 1.87 -27.71
C LYS B 349 7.29 0.86 -27.02
N SER B 350 6.69 -0.22 -26.56
CA SER B 350 7.45 -1.28 -25.89
C SER B 350 6.83 -2.63 -26.22
N PHE B 351 7.69 -3.62 -26.46
CA PHE B 351 7.26 -5.00 -26.62
C PHE B 351 8.31 -5.91 -25.97
N THR B 352 7.86 -7.08 -25.55
CA THR B 352 8.66 -8.00 -24.76
C THR B 352 8.88 -9.29 -25.52
N ILE B 353 10.13 -9.76 -25.55
CA ILE B 353 10.50 -11.04 -26.13
C ILE B 353 11.03 -11.92 -25.00
N LYS B 354 10.40 -13.07 -24.78
CA LYS B 354 10.66 -13.90 -23.63
C LYS B 354 10.52 -15.38 -23.97
N PRO B 355 11.43 -16.23 -23.49
CA PRO B 355 11.20 -17.67 -23.61
C PRO B 355 10.10 -18.12 -22.67
N VAL B 356 9.38 -19.18 -23.07
CA VAL B 356 8.22 -19.64 -22.31
C VAL B 356 8.66 -20.15 -20.95
N GLY B 357 7.97 -19.71 -19.90
CA GLY B 357 8.25 -20.17 -18.56
C GLY B 357 9.45 -19.54 -17.90
N PHE B 358 9.73 -18.27 -18.20
CA PHE B 358 10.88 -17.56 -17.65
C PHE B 358 10.42 -16.23 -17.06
N LYS B 359 11.13 -15.77 -16.03
CA LYS B 359 10.88 -14.45 -15.47
C LYS B 359 11.85 -13.40 -15.98
N ASP B 360 12.97 -13.81 -16.57
CA ASP B 360 13.89 -12.89 -17.23
C ASP B 360 13.52 -12.79 -18.70
N SER B 361 13.44 -11.57 -19.21
CA SER B 361 12.93 -11.33 -20.55
C SER B 361 13.79 -10.26 -21.23
N LEU B 362 13.35 -9.84 -22.41
CA LEU B 362 14.00 -8.78 -23.19
C LEU B 362 12.97 -7.70 -23.46
N ILE B 363 13.03 -6.61 -22.71
CA ILE B 363 12.13 -5.48 -22.89
C ILE B 363 12.76 -4.55 -23.92
N VAL B 364 12.18 -4.51 -25.11
CA VAL B 364 12.68 -3.67 -26.20
C VAL B 364 11.81 -2.43 -26.27
N GLN B 365 12.38 -1.28 -25.91
CA GLN B 365 11.73 0.01 -26.05
C GLN B 365 12.09 0.59 -27.41
N VAL B 366 11.08 0.82 -28.24
CA VAL B 366 11.26 1.22 -29.63
C VAL B 366 10.70 2.63 -29.81
N THR B 367 11.60 3.60 -29.97
CA THR B 367 11.23 4.95 -30.40
C THR B 367 11.46 5.07 -31.91
N PHE B 368 10.70 5.95 -32.53
CA PHE B 368 10.76 6.14 -33.98
C PHE B 368 11.36 7.51 -34.29
N ASP B 369 11.93 7.61 -35.50
CA ASP B 369 12.60 8.84 -35.93
C ASP B 369 12.15 9.14 -37.37
N CYS B 370 10.87 9.51 -37.50
CA CYS B 370 10.26 9.80 -38.79
C CYS B 370 10.22 11.29 -39.10
N ASP B 371 9.92 12.12 -38.12
CA ASP B 371 9.92 13.55 -38.33
C ASP B 371 11.35 14.09 -38.31
N CYS B 372 11.51 15.29 -38.86
CA CYS B 372 12.79 15.97 -38.84
C CYS B 372 12.88 16.86 -37.61
N ALA B 373 14.07 16.98 -37.05
CA ALA B 373 14.32 18.00 -36.04
C ALA B 373 14.04 19.40 -36.58
N CYS B 374 14.01 19.53 -37.91
CA CYS B 374 13.69 20.81 -38.54
C CYS B 374 12.26 21.24 -38.26
N GLN B 375 11.36 20.28 -38.02
CA GLN B 375 9.92 20.57 -37.93
C GLN B 375 9.62 21.59 -36.84
N ALA B 376 10.32 21.51 -35.71
CA ALA B 376 10.11 22.47 -34.63
C ALA B 376 10.41 23.88 -35.10
N GLN B 377 9.63 24.84 -34.59
CA GLN B 377 9.65 26.23 -35.07
C GLN B 377 9.30 26.27 -36.57
N ALA B 378 8.11 25.77 -36.88
CA ALA B 378 7.65 25.72 -38.27
C ALA B 378 7.32 27.12 -38.78
N GLU B 379 6.41 27.81 -38.08
CA GLU B 379 5.94 29.15 -38.43
C GLU B 379 5.10 29.07 -39.70
N PRO B 380 3.78 29.10 -39.57
CA PRO B 380 2.90 29.21 -40.74
C PRO B 380 2.64 30.68 -41.08
N ASN B 381 2.06 30.88 -42.26
CA ASN B 381 1.83 32.22 -42.81
C ASN B 381 3.12 33.04 -42.78
N SER B 382 4.14 32.48 -43.43
CA SER B 382 5.50 32.97 -43.31
C SER B 382 5.68 34.32 -44.00
N HIS B 383 6.80 34.96 -43.69
CA HIS B 383 7.15 36.23 -44.31
C HIS B 383 7.49 36.06 -45.79
N ARG B 384 8.18 34.97 -46.13
CA ARG B 384 8.68 34.82 -47.50
C ARG B 384 7.65 34.22 -48.44
N CYS B 385 6.91 33.21 -47.98
CA CYS B 385 5.99 32.47 -48.85
C CYS B 385 4.83 33.38 -49.25
N ASN B 386 5.09 34.23 -50.24
CA ASN B 386 4.10 35.18 -50.76
C ASN B 386 3.56 36.09 -49.67
N ASN B 387 4.40 36.42 -48.68
CA ASN B 387 4.08 37.38 -47.64
C ASN B 387 2.80 37.00 -46.90
N GLY B 388 2.71 35.74 -46.50
CA GLY B 388 1.59 35.24 -45.71
C GLY B 388 0.78 34.12 -46.35
N ASN B 389 1.09 33.67 -47.57
CA ASN B 389 0.26 32.67 -48.24
C ASN B 389 0.76 31.24 -48.08
N GLY B 390 1.92 31.03 -47.47
CA GLY B 390 2.45 29.69 -47.30
C GLY B 390 3.01 29.43 -45.92
N THR B 391 3.86 28.42 -45.79
CA THR B 391 4.47 28.05 -44.52
C THR B 391 5.93 27.71 -44.75
N PHE B 392 6.81 28.50 -44.14
CA PHE B 392 8.23 28.21 -44.17
C PHE B 392 8.50 26.95 -43.36
N GLU B 393 9.39 26.10 -43.86
CA GLU B 393 9.67 24.86 -43.16
C GLU B 393 11.07 24.42 -43.61
N CYS B 394 12.07 25.16 -43.11
CA CYS B 394 13.48 24.86 -43.29
C CYS B 394 13.84 24.85 -44.77
N GLY B 395 14.06 26.04 -45.33
CA GLY B 395 14.41 26.16 -46.74
C GLY B 395 13.20 26.35 -47.63
N VAL B 396 12.32 25.34 -47.67
CA VAL B 396 11.20 25.35 -48.60
C VAL B 396 10.07 26.22 -48.07
N CYS B 397 9.38 26.87 -49.00
CA CYS B 397 8.20 27.68 -48.68
C CYS B 397 6.95 26.98 -49.19
N ARG B 398 6.68 25.78 -48.68
CA ARG B 398 5.53 25.01 -49.14
C ARG B 398 4.23 25.73 -48.78
N CYS B 399 3.22 25.57 -49.64
CA CYS B 399 2.06 26.42 -49.67
C CYS B 399 0.81 25.71 -49.15
N GLY B 400 -0.27 26.48 -49.05
CA GLY B 400 -1.59 25.95 -48.84
C GLY B 400 -2.34 25.89 -50.14
N PRO B 401 -3.66 26.11 -50.10
CA PRO B 401 -4.46 26.07 -51.33
C PRO B 401 -4.24 27.31 -52.19
N GLY B 402 -4.69 27.21 -53.43
CA GLY B 402 -4.67 28.35 -54.37
C GLY B 402 -3.37 28.65 -55.08
N TRP B 403 -2.25 28.67 -54.34
CA TRP B 403 -0.95 29.05 -54.88
C TRP B 403 0.00 27.86 -54.96
N LEU B 404 0.98 27.98 -55.85
CA LEU B 404 2.00 26.95 -56.07
C LEU B 404 3.30 27.64 -56.49
N GLY B 405 4.42 27.14 -55.97
CA GLY B 405 5.72 27.63 -56.39
C GLY B 405 6.73 27.56 -55.27
N SER B 406 7.93 28.08 -55.57
CA SER B 406 9.02 28.07 -54.60
C SER B 406 8.74 28.99 -53.41
N GLN B 407 8.12 30.14 -53.67
CA GLN B 407 7.69 31.04 -52.61
C GLN B 407 6.18 31.26 -52.64
N CYS B 408 5.43 30.31 -53.22
CA CYS B 408 4.00 30.45 -53.42
C CYS B 408 3.66 31.73 -54.15
N GLU B 409 4.45 32.07 -55.16
CA GLU B 409 4.30 33.36 -55.81
C GLU B 409 3.32 33.33 -56.97
N CYS B 410 2.99 32.15 -57.48
CA CYS B 410 2.06 32.07 -58.59
C CYS B 410 0.65 31.72 -58.13
N SER B 411 -0.33 32.28 -58.83
CA SER B 411 -1.74 31.93 -58.66
C SER B 411 -2.25 31.57 -60.06
N GLU B 412 -1.95 30.34 -60.49
CA GLU B 412 -2.21 29.94 -61.87
C GLU B 412 -3.69 30.08 -62.23
N GLU B 413 -4.59 29.87 -61.26
CA GLU B 413 -6.01 30.06 -61.52
C GLU B 413 -6.31 31.48 -61.97
N ASP B 414 -5.54 32.45 -61.49
CA ASP B 414 -5.68 33.85 -61.87
C ASP B 414 -4.39 34.29 -62.56
N TYR B 415 -4.13 33.75 -63.75
CA TYR B 415 -2.94 34.08 -64.50
C TYR B 415 -3.29 34.56 -65.90
N ARG B 416 -2.53 35.54 -66.36
CA ARG B 416 -2.65 36.08 -67.72
C ARG B 416 -1.23 36.17 -68.28
N PRO B 417 -0.93 35.50 -69.39
CA PRO B 417 0.46 35.47 -69.87
C PRO B 417 0.92 36.83 -70.40
N SER B 418 2.21 37.10 -70.21
CA SER B 418 2.85 38.27 -70.78
C SER B 418 3.95 37.93 -71.78
N GLN B 419 4.30 36.66 -71.94
CA GLN B 419 5.27 36.21 -72.93
C GLN B 419 4.60 35.28 -73.91
N GLN B 420 5.19 35.17 -75.10
CA GLN B 420 4.53 34.46 -76.20
C GLN B 420 4.43 32.96 -75.92
N ASP B 421 5.57 32.30 -75.67
CA ASP B 421 5.60 30.85 -75.49
C ASP B 421 6.50 30.49 -74.30
N GLU B 422 5.95 30.68 -73.09
CA GLU B 422 6.54 30.05 -71.93
C GLU B 422 6.28 28.56 -71.95
N CYS B 423 5.13 28.16 -72.49
CA CYS B 423 4.79 26.77 -72.69
C CYS B 423 4.98 26.39 -74.15
N SER B 424 5.64 25.26 -74.39
CA SER B 424 5.84 24.69 -75.72
C SER B 424 6.65 25.64 -76.59
N PRO B 425 6.97 25.26 -77.85
CA PRO B 425 7.56 26.24 -78.77
C PRO B 425 6.57 26.79 -79.79
N ARG B 426 5.60 25.97 -80.22
CA ARG B 426 4.73 26.33 -81.32
C ARG B 426 3.29 25.94 -81.00
N GLU B 427 2.37 26.43 -81.85
CA GLU B 427 0.95 26.26 -81.61
C GLU B 427 0.50 24.82 -81.82
N GLY B 428 1.10 24.10 -82.75
CA GLY B 428 0.73 22.73 -83.04
C GLY B 428 1.32 21.68 -82.13
N GLN B 429 2.17 22.08 -81.16
CA GLN B 429 2.86 21.19 -80.25
C GLN B 429 2.18 21.19 -78.88
N PRO B 430 2.21 20.05 -78.15
CA PRO B 430 1.57 20.00 -76.83
C PRO B 430 2.26 20.88 -75.80
N VAL B 431 1.77 20.87 -74.56
CA VAL B 431 2.24 21.74 -73.49
C VAL B 431 3.17 20.94 -72.58
N CYS B 432 4.39 21.46 -72.38
CA CYS B 432 5.44 20.84 -71.57
C CYS B 432 5.69 19.38 -71.95
N SER B 433 5.29 18.99 -73.16
CA SER B 433 5.47 17.63 -73.68
C SER B 433 5.07 16.58 -72.65
N GLN B 434 3.85 16.73 -72.13
CA GLN B 434 3.22 15.81 -71.18
C GLN B 434 3.87 15.83 -69.80
N ARG B 435 3.06 15.69 -68.75
CA ARG B 435 3.52 15.69 -67.37
C ARG B 435 4.26 16.98 -67.02
N GLY B 436 3.62 18.11 -67.32
CA GLY B 436 4.14 19.41 -66.93
C GLY B 436 3.06 20.31 -66.39
N GLU B 437 1.83 20.09 -66.85
CA GLU B 437 0.64 20.88 -66.48
C GLU B 437 0.76 22.35 -66.86
N CYS B 438 1.98 22.88 -66.83
CA CYS B 438 2.32 24.25 -67.22
C CYS B 438 1.66 25.29 -66.31
N LEU B 439 2.23 26.51 -66.29
CA LEU B 439 1.69 27.62 -65.52
C LEU B 439 2.56 28.87 -65.66
N CYS B 440 2.12 29.96 -65.02
CA CYS B 440 2.80 31.23 -64.82
C CYS B 440 4.30 31.26 -65.14
N GLY B 441 4.67 30.97 -66.38
CA GLY B 441 6.04 31.12 -66.79
C GLY B 441 6.91 29.88 -66.98
N GLN B 442 6.88 28.96 -66.03
CA GLN B 442 7.79 27.82 -66.02
C GLN B 442 7.01 26.51 -66.01
N CYS B 443 7.36 25.60 -66.93
CA CYS B 443 6.85 24.24 -66.86
C CYS B 443 7.31 23.58 -65.57
N VAL B 444 6.39 22.88 -64.91
CA VAL B 444 6.69 22.14 -63.68
C VAL B 444 6.49 20.67 -64.02
N CYS B 445 7.59 20.00 -64.41
CA CYS B 445 7.49 18.63 -64.88
C CYS B 445 7.25 17.68 -63.71
N HIS B 446 6.45 16.64 -63.94
CA HIS B 446 6.13 15.64 -62.93
C HIS B 446 7.16 14.52 -63.02
N SER B 447 7.80 14.24 -61.89
CA SER B 447 8.84 13.23 -61.85
C SER B 447 8.24 11.82 -61.85
N SER B 448 9.07 10.84 -62.19
CA SER B 448 8.65 9.46 -62.35
C SER B 448 9.42 8.55 -61.42
N ASP B 449 8.98 7.28 -61.35
CA ASP B 449 9.70 6.29 -60.57
C ASP B 449 11.03 5.94 -61.19
N PHE B 450 11.17 6.11 -62.50
CA PHE B 450 12.35 5.65 -63.24
C PHE B 450 13.11 6.78 -63.92
N GLY B 451 12.84 8.04 -63.58
CA GLY B 451 13.53 9.13 -64.25
C GLY B 451 13.28 10.46 -63.59
N LYS B 452 14.20 11.39 -63.86
CA LYS B 452 14.08 12.78 -63.43
C LYS B 452 14.03 13.67 -64.67
N ILE B 453 13.06 14.59 -64.69
CA ILE B 453 12.78 15.42 -65.85
C ILE B 453 13.23 16.85 -65.59
N THR B 454 13.87 17.45 -66.59
CA THR B 454 14.23 18.87 -66.59
C THR B 454 13.80 19.48 -67.92
N GLY B 455 14.05 20.77 -68.05
CA GLY B 455 13.84 21.43 -69.33
C GLY B 455 12.67 22.41 -69.32
N LYS B 456 12.86 23.54 -69.98
CA LYS B 456 11.77 24.50 -70.20
C LYS B 456 10.62 23.88 -70.98
N TYR B 457 10.86 22.78 -71.70
CA TYR B 457 9.82 22.04 -72.41
C TYR B 457 9.61 20.65 -71.82
N CYS B 458 10.28 20.33 -70.71
CA CYS B 458 10.26 19.00 -70.09
C CYS B 458 10.59 17.91 -71.11
N GLU B 459 11.88 17.86 -71.48
CA GLU B 459 12.33 16.88 -72.47
C GLU B 459 13.63 16.21 -72.04
N THR B 460 13.89 16.13 -70.74
CA THR B 460 14.99 15.33 -70.23
C THR B 460 14.43 14.21 -69.37
N ARG B 461 15.07 13.04 -69.43
CA ARG B 461 14.83 12.01 -68.41
C ARG B 461 16.13 11.24 -68.19
N GLU B 462 16.86 11.61 -67.15
CA GLU B 462 17.96 10.78 -66.69
C GLU B 462 17.40 9.57 -65.97
N LEU B 463 18.02 8.41 -66.18
CA LEU B 463 17.55 7.18 -65.56
C LEU B 463 18.57 6.71 -64.54
N TYR B 464 18.17 5.71 -63.75
CA TYR B 464 19.02 5.21 -62.69
C TYR B 464 18.56 3.84 -62.22
C1 GOL C . 26.42 10.46 36.66
O1 GOL C . 26.70 9.68 35.54
C2 GOL C . 26.57 11.94 36.24
O2 GOL C . 25.77 12.24 35.14
C3 GOL C . 26.18 12.76 37.49
O3 GOL C . 27.26 12.72 38.36
C1 NAG D . -3.42 -1.60 44.14
C2 NAG D . -4.91 -1.43 43.88
C3 NAG D . -5.54 -0.55 44.96
C4 NAG D . -5.23 -1.10 46.34
C5 NAG D . -3.73 -1.30 46.50
C6 NAG D . -3.35 -1.97 47.81
C7 NAG D . -5.19 -1.60 41.45
C8 NAG D . -5.42 -0.85 40.17
N2 NAG D . -5.14 -0.87 42.56
O3 NAG D . -6.95 -0.48 44.76
O4 NAG D . -5.70 -0.20 47.34
O5 NAG D . -3.22 -2.14 45.45
O6 NAG D . -3.71 -3.35 47.80
O7 NAG D . -5.03 -2.82 41.47
C1 NAG E . 22.33 -9.34 10.47
C2 NAG E . 23.34 -10.34 9.92
C3 NAG E . 22.67 -11.68 9.65
C4 NAG E . 21.93 -12.17 10.89
C5 NAG E . 20.97 -11.08 11.40
C6 NAG E . 20.30 -11.45 12.70
C7 NAG E . 24.93 -8.90 8.73
C8 NAG E . 25.48 -8.50 7.38
N2 NAG E . 23.97 -9.84 8.71
O3 NAG E . 23.64 -12.63 9.26
O4 NAG E . 21.18 -13.34 10.60
O5 NAG E . 21.70 -9.87 11.64
O6 NAG E . 19.27 -10.53 13.04
O7 NAG E . 25.33 -8.38 9.77
C1 NAG F . -50.60 22.99 37.82
C2 NAG F . -52.11 23.25 37.88
C3 NAG F . -52.46 24.50 37.09
C4 NAG F . -51.63 25.68 37.56
C5 NAG F . -50.14 25.33 37.52
C6 NAG F . -49.26 26.41 38.10
C7 NAG F . -54.13 21.86 37.74
C8 NAG F . -54.76 20.64 37.14
N2 NAG F . -52.86 22.10 37.39
O3 NAG F . -53.84 24.80 37.23
O4 NAG F . -51.86 26.81 36.73
O5 NAG F . -49.89 24.15 38.29
O6 NAG F . -47.93 25.97 38.30
O7 NAG F . -54.74 22.59 38.51
CA CA G . 31.27 25.76 23.33
MG MG H . -14.40 -42.03 -19.19
C1 GOL I . 28.26 19.03 -58.48
O1 GOL I . 27.57 17.89 -58.88
C2 GOL I . 27.51 19.61 -57.26
O2 GOL I . 28.37 19.96 -56.23
C3 GOL I . 26.75 20.83 -57.82
O3 GOL I . 27.70 21.83 -58.03
C1 NAG J . 20.27 -14.84 -40.68
C2 NAG J . 19.96 -13.35 -40.86
C3 NAG J . 20.28 -12.92 -42.29
C4 NAG J . 21.71 -13.31 -42.66
C5 NAG J . 21.95 -14.79 -42.39
C6 NAG J . 23.38 -15.21 -42.60
C7 NAG J . 18.20 -12.67 -39.30
C8 NAG J . 16.73 -12.39 -39.14
N2 NAG J . 18.58 -13.05 -40.53
O3 NAG J . 20.12 -11.52 -42.41
O4 NAG J . 21.95 -13.04 -44.04
O5 NAG J . 21.62 -15.11 -41.02
O6 NAG J . 24.25 -14.09 -42.67
O7 NAG J . 18.99 -12.56 -38.37
C1 NAG K . -1.61 36.33 -50.14
C2 NAG K . -2.58 36.67 -49.01
C3 NAG K . -3.70 37.56 -49.53
C4 NAG K . -3.11 38.79 -50.21
C5 NAG K . -2.12 38.39 -51.28
C6 NAG K . -1.40 39.57 -51.89
C7 NAG K . -2.78 35.06 -47.17
C8 NAG K . -3.42 33.79 -46.70
N2 NAG K . -3.12 35.47 -48.39
O3 NAG K . -4.54 37.94 -48.44
O4 NAG K . -4.16 39.55 -50.80
O5 NAG K . -1.10 37.54 -50.72
O6 NAG K . -1.22 39.41 -53.29
O7 NAG K . -1.98 35.68 -46.48
C1 NAG L . 23.61 -7.79 -37.57
C2 NAG L . 24.41 -8.48 -36.48
C3 NAG L . 25.88 -8.58 -36.88
C4 NAG L . 26.01 -9.25 -38.25
C5 NAG L . 25.13 -8.52 -39.27
C6 NAG L . 25.11 -9.20 -40.62
C7 NAG L . 23.52 -8.21 -34.21
C8 NAG L . 23.50 -7.37 -32.97
N2 NAG L . 24.28 -7.78 -35.21
O3 NAG L . 26.59 -9.34 -35.91
O4 NAG L . 27.36 -9.19 -38.69
O5 NAG L . 23.77 -8.49 -38.81
O6 NAG L . 24.18 -8.58 -41.50
O7 NAG L . 22.87 -9.26 -34.29
C1 NAG M . 16.74 -34.54 -4.17
C2 NAG M . 17.84 -33.91 -3.32
C3 NAG M . 18.51 -34.97 -2.46
C4 NAG M . 17.48 -35.74 -1.65
C5 NAG M . 16.38 -36.28 -2.57
C6 NAG M . 15.25 -36.94 -1.81
C7 NAG M . 18.78 -31.93 -4.44
C8 NAG M . 19.87 -31.41 -5.32
N2 NAG M . 18.81 -33.24 -4.17
O3 NAG M . 19.45 -34.36 -1.59
O4 NAG M . 18.09 -36.82 -0.97
O5 NAG M . 15.80 -35.21 -3.33
O6 NAG M . 14.68 -38.02 -2.54
O7 NAG M . 17.89 -31.20 -3.99
#